data_5ZSS
#
_entry.id   5ZSS
#
_cell.length_a   138.200
_cell.length_b   138.200
_cell.length_c   99.100
_cell.angle_alpha   90.000
_cell.angle_beta   90.000
_cell.angle_gamma   120.000
#
_symmetry.space_group_name_H-M   'P 65'
#
loop_
_entity.id
_entity.type
_entity.pdbx_description
1 polymer 'Cysteine desulfurase'
2 polymer 'Cysteine desulfurase'
3 non-polymer N-({3-HYDROXY-2-METHYL-5-[(PHOSPHONOOXY)METHYL]PYRIDIN-4-YL}METHYL)-L-CYSTEINE
4 water water
#
loop_
_entity_poly.entity_id
_entity_poly.type
_entity_poly.pdbx_seq_one_letter_code
_entity_poly.pdbx_strand_id
1 'polypeptide(L)'
;MAHMKVYLDNNATTIVDPEVKAAMDPYFTQIYGNPNSLHDFGTECHPALRKAMDQMYEAIGARDEDDIVVTSCATESNNW
VLKGVYFDLIKNGDKDHIITTEVEHPSVTATCRWLEEQGVRVTYLPVNQDGVVEAHTVRDFITDKTALVSIMWANNETGA
IFPVEEISEICKEKGVLFHTDGVQAIGKIPVDVIRAGVDFMSFSAHKFHGPKGVGGLYIRNGHPLTSLLHGGEHMGGRRS
GTLNVPGIVGMGKAMELATYYLKFEEEHVRKLRDKLEDAILEIPDTYSVGPRENRTPNTILVSVRGVEGEAMLWDLNRAG
IAASTGSACASEDLEANPIMVAVGADSELAHTAVRLSLSRFTTEEEIDYTIEQFKKAVERLRSISSSYAYMPDNMKDKQL
EVDLVPRGSHHHHHH
;
A
2 'polypeptide(L)'
;MAHMKVYLDNNATTIVDPEVKAAMDPYFTQIYGNPNSLHDFGTECHPALRKAMDQMYEAIGARDEDDIVVTSCATESNNW
VLKGVYFDLIKNGDKDHIITTEVEHPSVTATCRWLEEQGVRVTYLPVNQDGVVEAHTVRDFITDKTALVSIMWANNETGA
IFPVEEISEICKEKGVLFHTDGVQAIGKIPVDVIRAGVDFMSFSAH(LLP)FHGPKGVGGLYIRNGHPLTSLLHGGEHMG
GRRSGTLNVPGIVGMGKAMELATYYLKFEEEHVRKLRDKLEDAILEIPDTYSVGPRENRTPNTILVSVRGVEGEAMLWDL
NRAGIAASTGSACASEDLEANPIMVAVGADSELAHTAVRLSLSRFTTEEEIDYTIEQFKKAVERLRSISSSYAYMPDNMK
DKQLEVDLVPRGSHHHHHH
;
B
#
# COMPACT_ATOMS: atom_id res chain seq x y z
N ALA A 2 -14.34 31.77 3.32
CA ALA A 2 -12.89 31.64 3.45
C ALA A 2 -12.20 32.97 3.14
N HIS A 3 -12.04 33.81 4.16
CA HIS A 3 -11.37 35.10 3.97
C HIS A 3 -9.92 34.89 3.54
N MET A 4 -9.23 33.95 4.19
CA MET A 4 -7.86 33.54 3.85
C MET A 4 -7.79 32.05 4.08
N LYS A 5 -7.26 31.31 3.11
CA LYS A 5 -7.09 29.87 3.31
C LYS A 5 -5.81 29.60 4.09
N VAL A 6 -5.95 28.83 5.18
CA VAL A 6 -4.84 28.57 6.09
C VAL A 6 -4.92 27.11 6.49
N TYR A 7 -3.83 26.38 6.31
CA TYR A 7 -3.77 24.96 6.63
C TYR A 7 -3.03 24.82 7.96
N LEU A 8 -3.75 24.40 9.00
CA LEU A 8 -3.19 24.07 10.31
C LEU A 8 -3.64 22.68 10.75
N ASP A 9 -3.72 21.75 9.81
CA ASP A 9 -4.02 20.35 10.08
C ASP A 9 -2.86 19.47 9.59
N ASN A 10 -1.62 19.90 9.87
CA ASN A 10 -0.46 19.22 9.34
C ASN A 10 -0.21 17.89 10.05
N ASN A 11 -0.70 17.72 11.28
CA ASN A 11 -0.54 16.42 11.92
C ASN A 11 -1.39 15.35 11.24
N ALA A 12 -2.38 15.76 10.44
CA ALA A 12 -3.23 14.81 9.71
C ALA A 12 -2.65 14.42 8.36
N THR A 13 -2.13 15.39 7.60
CA THR A 13 -1.39 15.16 6.37
C THR A 13 -0.71 16.47 5.98
N THR A 14 0.28 16.38 5.10
CA THR A 14 1.09 17.53 4.74
C THR A 14 1.15 17.68 3.23
N ILE A 15 1.48 18.90 2.80
CA ILE A 15 1.61 19.20 1.38
C ILE A 15 2.90 18.58 0.85
N VAL A 16 2.86 18.08 -0.38
CA VAL A 16 4.08 17.51 -0.97
C VAL A 16 5.02 18.66 -1.33
N ASP A 17 6.23 18.62 -0.77
CA ASP A 17 7.24 19.61 -1.13
C ASP A 17 7.48 19.57 -2.64
N PRO A 18 7.44 20.72 -3.32
CA PRO A 18 7.65 20.69 -4.78
C PRO A 18 8.91 19.97 -5.20
N GLU A 19 9.97 20.03 -4.37
CA GLU A 19 11.18 19.27 -4.67
C GLU A 19 10.93 17.77 -4.61
N VAL A 20 10.09 17.33 -3.67
CA VAL A 20 9.77 15.91 -3.60
C VAL A 20 8.98 15.48 -4.83
N LYS A 21 7.99 16.29 -5.23
CA LYS A 21 7.22 15.97 -6.42
C LYS A 21 8.08 15.99 -7.68
N ALA A 22 9.02 16.92 -7.76
CA ALA A 22 9.95 16.96 -8.90
C ALA A 22 10.85 15.74 -8.91
N ALA A 23 11.32 15.31 -7.73
CA ALA A 23 12.13 14.10 -7.65
C ALA A 23 11.35 12.88 -8.09
N MET A 24 10.03 12.89 -7.85
CA MET A 24 9.19 11.76 -8.24
C MET A 24 8.85 11.77 -9.72
N ASP A 25 8.74 12.97 -10.31
CA ASP A 25 8.16 13.14 -11.65
C ASP A 25 8.64 12.15 -12.70
N PRO A 26 9.95 11.88 -12.87
CA PRO A 26 10.36 11.04 -14.00
C PRO A 26 9.82 9.62 -13.92
N TYR A 27 9.49 9.14 -12.72
CA TYR A 27 9.24 7.73 -12.47
C TYR A 27 7.77 7.34 -12.64
N PHE A 28 7.04 8.06 -13.49
CA PHE A 28 5.72 7.66 -13.96
C PHE A 28 5.75 7.32 -15.44
N THR A 29 6.21 8.24 -16.28
CA THR A 29 6.19 8.09 -17.73
C THR A 29 7.57 7.97 -18.35
N GLN A 30 8.57 8.69 -17.83
CA GLN A 30 9.90 8.64 -18.42
C GLN A 30 10.65 7.38 -18.02
N ILE A 31 10.54 6.97 -16.76
CA ILE A 31 11.21 5.78 -16.23
C ILE A 31 10.13 4.91 -15.61
N TYR A 32 9.68 3.90 -16.35
CA TYR A 32 8.50 3.13 -15.98
C TYR A 32 8.76 1.64 -15.85
N GLY A 33 9.96 1.16 -16.15
CA GLY A 33 10.24 -0.27 -16.08
C GLY A 33 10.09 -0.81 -14.68
N ASN A 34 9.88 -2.13 -14.59
CA ASN A 34 9.75 -2.78 -13.29
C ASN A 34 11.14 -3.00 -12.70
N PRO A 35 11.41 -2.53 -11.48
CA PRO A 35 12.77 -2.66 -10.93
C PRO A 35 13.21 -4.10 -10.75
N ASN A 36 12.28 -5.06 -10.77
CA ASN A 36 12.61 -6.46 -10.65
C ASN A 36 12.94 -7.10 -11.99
N SER A 37 12.81 -6.34 -13.09
CA SER A 37 13.18 -6.82 -14.41
C SER A 37 14.69 -6.76 -14.59
N LEU A 38 15.19 -7.60 -15.50
CA LEU A 38 16.62 -7.66 -15.75
C LEU A 38 17.07 -6.77 -16.89
N HIS A 39 16.15 -6.34 -17.75
CA HIS A 39 16.50 -5.50 -18.89
C HIS A 39 16.78 -4.07 -18.43
N ASP A 40 17.35 -3.27 -19.34
CA ASP A 40 17.80 -1.93 -18.98
C ASP A 40 16.64 -1.01 -18.59
N PHE A 41 15.47 -1.21 -19.18
CA PHE A 41 14.29 -0.42 -18.82
C PHE A 41 13.98 -0.55 -17.33
N GLY A 42 14.07 -1.77 -16.80
CA GLY A 42 13.80 -1.98 -15.38
C GLY A 42 14.90 -1.47 -14.48
N THR A 43 16.16 -1.76 -14.84
CA THR A 43 17.29 -1.40 -13.99
C THR A 43 17.61 0.09 -14.03
N GLU A 44 17.02 0.84 -14.96
CA GLU A 44 17.33 2.28 -15.07
C GLU A 44 17.02 3.00 -13.76
N CYS A 45 15.98 2.58 -13.04
CA CYS A 45 15.60 3.28 -11.82
C CYS A 45 16.40 2.83 -10.60
N HIS A 46 17.27 1.84 -10.73
CA HIS A 46 17.91 1.27 -9.54
C HIS A 46 18.75 2.27 -8.74
N PRO A 47 19.59 3.11 -9.35
CA PRO A 47 20.36 4.08 -8.54
C PRO A 47 19.49 5.04 -7.74
N ALA A 48 18.35 5.45 -8.28
CA ALA A 48 17.43 6.29 -7.53
C ALA A 48 16.87 5.54 -6.33
N LEU A 49 16.56 4.24 -6.49
CA LEU A 49 16.06 3.47 -5.37
C LEU A 49 17.12 3.36 -4.28
N ARG A 50 18.36 3.07 -4.67
CA ARG A 50 19.43 2.96 -3.68
C ARG A 50 19.64 4.29 -2.96
N LYS A 51 19.60 5.40 -3.71
CA LYS A 51 19.76 6.70 -3.07
C LYS A 51 18.61 6.99 -2.11
N ALA A 52 17.38 6.64 -2.49
CA ALA A 52 16.24 6.90 -1.62
C ALA A 52 16.34 6.07 -0.34
N MET A 53 16.69 4.79 -0.48
CA MET A 53 16.85 3.95 0.69
C MET A 53 17.98 4.45 1.58
N ASP A 54 19.06 4.94 0.96
CA ASP A 54 20.17 5.52 1.71
C ASP A 54 19.72 6.76 2.48
N GLN A 55 18.91 7.61 1.83
CA GLN A 55 18.39 8.79 2.51
C GLN A 55 17.56 8.40 3.73
N MET A 56 16.79 7.32 3.62
CA MET A 56 15.98 6.88 4.76
C MET A 56 16.86 6.43 5.92
N TYR A 57 17.83 5.54 5.62
CA TYR A 57 18.74 5.07 6.65
C TYR A 57 19.43 6.24 7.33
N GLU A 58 19.85 7.23 6.54
CA GLU A 58 20.57 8.38 7.10
C GLU A 58 19.64 9.25 7.93
N ALA A 59 18.37 9.33 7.53
CA ALA A 59 17.43 10.23 8.18
C ALA A 59 17.03 9.74 9.57
N ILE A 60 16.90 8.42 9.74
CA ILE A 60 16.52 7.93 11.07
C ILE A 60 17.70 7.36 11.83
N GLY A 61 18.91 7.45 11.28
CA GLY A 61 20.08 6.98 12.00
C GLY A 61 20.16 5.49 12.14
N ALA A 62 19.57 4.77 11.18
CA ALA A 62 19.65 3.31 11.16
C ALA A 62 21.03 2.87 10.69
N ARG A 63 21.38 1.64 11.06
CA ARG A 63 22.68 1.08 10.71
C ARG A 63 22.55 0.12 9.53
N ASP A 64 23.70 -0.30 9.00
CA ASP A 64 23.70 -1.10 7.79
C ASP A 64 23.12 -2.49 8.05
N GLU A 65 23.37 -3.04 9.24
CA GLU A 65 22.76 -4.32 9.63
C GLU A 65 21.25 -4.22 9.75
N ASP A 66 20.72 -3.02 10.02
CA ASP A 66 19.28 -2.88 10.22
C ASP A 66 18.56 -3.03 8.88
N ASP A 67 17.24 -3.24 8.96
CA ASP A 67 16.38 -3.33 7.79
C ASP A 67 15.35 -2.21 7.82
N ILE A 68 15.09 -1.62 6.64
CA ILE A 68 14.02 -0.62 6.48
C ILE A 68 13.17 -1.10 5.32
N VAL A 69 12.00 -1.66 5.62
CA VAL A 69 11.12 -2.20 4.59
C VAL A 69 10.11 -1.13 4.21
N VAL A 70 9.98 -0.89 2.91
CA VAL A 70 9.05 0.12 2.40
C VAL A 70 7.66 -0.50 2.31
N THR A 71 6.69 0.10 3.00
CA THR A 71 5.30 -0.33 3.01
C THR A 71 4.42 0.67 2.26
N SER A 72 3.11 0.42 2.26
CA SER A 72 2.17 1.33 1.60
C SER A 72 1.74 2.48 2.49
N CYS A 73 1.87 2.33 3.80
CA CYS A 73 1.45 3.33 4.76
C CYS A 73 1.84 2.81 6.13
N ALA A 74 1.82 3.72 7.12
CA ALA A 74 2.14 3.30 8.47
C ALA A 74 1.09 2.33 9.02
N THR A 75 -0.16 2.39 8.53
CA THR A 75 -1.15 1.41 8.93
C THR A 75 -0.70 0.00 8.55
N GLU A 76 -0.15 -0.15 7.34
CA GLU A 76 0.40 -1.44 6.95
C GLU A 76 1.52 -1.86 7.91
N SER A 77 2.38 -0.92 8.28
CA SER A 77 3.48 -1.24 9.18
C SER A 77 2.98 -1.70 10.54
N ASN A 78 1.95 -1.03 11.08
CA ASN A 78 1.42 -1.38 12.38
C ASN A 78 0.72 -2.74 12.35
N ASN A 79 -0.17 -2.93 11.37
CA ASN A 79 -0.78 -4.24 11.19
C ASN A 79 0.29 -5.32 11.07
N TRP A 80 1.33 -5.05 10.29
CA TRP A 80 2.38 -6.04 10.07
C TRP A 80 3.08 -6.38 11.38
N VAL A 81 3.50 -5.37 12.13
CA VAL A 81 4.25 -5.62 13.36
C VAL A 81 3.39 -6.42 14.33
N LEU A 82 2.16 -5.97 14.57
CA LEU A 82 1.32 -6.61 15.58
C LEU A 82 0.95 -8.03 15.18
N LYS A 83 0.41 -8.21 13.98
CA LYS A 83 0.01 -9.53 13.56
C LYS A 83 1.21 -10.45 13.39
N GLY A 84 2.36 -9.91 13.01
CA GLY A 84 3.53 -10.75 12.83
C GLY A 84 4.12 -11.23 14.15
N VAL A 85 4.20 -10.35 15.16
CA VAL A 85 4.68 -10.82 16.45
C VAL A 85 3.65 -11.74 17.09
N TYR A 86 2.35 -11.54 16.82
CA TYR A 86 1.36 -12.51 17.28
C TYR A 86 1.60 -13.87 16.65
N PHE A 87 1.87 -13.90 15.34
CA PHE A 87 2.13 -15.16 14.65
C PHE A 87 3.42 -15.80 15.14
N ASP A 88 4.45 -15.01 15.40
CA ASP A 88 5.77 -15.54 15.70
C ASP A 88 5.89 -16.00 17.14
N LEU A 89 5.43 -15.18 18.10
CA LEU A 89 5.68 -15.42 19.51
C LEU A 89 4.47 -15.89 20.29
N ILE A 90 3.26 -15.82 19.72
CA ILE A 90 2.04 -16.14 20.45
C ILE A 90 1.37 -17.39 19.89
N LYS A 91 1.11 -17.44 18.58
CA LYS A 91 0.51 -18.63 18.02
C LYS A 91 1.55 -19.73 17.84
N ASN A 92 2.81 -19.35 17.64
CA ASN A 92 3.90 -20.32 17.58
C ASN A 92 4.97 -19.95 18.59
N GLY A 93 4.56 -19.63 19.81
CA GLY A 93 5.48 -19.37 20.89
C GLY A 93 4.79 -19.53 22.22
N ASP A 94 5.46 -19.04 23.26
CA ASP A 94 5.01 -19.23 24.64
C ASP A 94 4.53 -17.93 25.26
N LYS A 95 4.18 -16.94 24.45
CA LYS A 95 3.87 -15.60 24.91
C LYS A 95 2.40 -15.33 24.61
N ASP A 96 1.84 -14.34 25.30
CA ASP A 96 0.43 -14.04 25.07
C ASP A 96 0.03 -12.63 25.49
N HIS A 97 0.96 -11.68 25.63
CA HIS A 97 0.65 -10.38 26.18
C HIS A 97 1.28 -9.28 25.33
N ILE A 98 0.53 -8.20 25.13
CA ILE A 98 1.01 -7.02 24.43
C ILE A 98 0.65 -5.81 25.28
N ILE A 99 1.60 -4.88 25.44
CA ILE A 99 1.38 -3.65 26.19
C ILE A 99 1.37 -2.50 25.20
N THR A 100 0.38 -1.62 25.33
CA THR A 100 0.26 -0.43 24.49
C THR A 100 -0.42 0.65 25.30
N THR A 101 -0.78 1.76 24.63
CA THR A 101 -1.44 2.89 25.27
C THR A 101 -2.87 3.04 24.77
N GLU A 102 -3.65 3.85 25.47
CA GLU A 102 -5.01 4.17 25.07
C GLU A 102 -5.07 5.24 23.99
N VAL A 103 -3.94 5.82 23.59
CA VAL A 103 -3.91 6.97 22.70
C VAL A 103 -3.25 6.65 21.36
N GLU A 104 -3.10 5.36 21.04
CA GLU A 104 -2.46 5.01 19.78
C GLU A 104 -3.38 5.37 18.61
N HIS A 105 -2.79 5.40 17.41
CA HIS A 105 -3.57 5.55 16.21
C HIS A 105 -4.41 4.29 15.98
N PRO A 106 -5.59 4.43 15.36
CA PRO A 106 -6.46 3.25 15.19
C PRO A 106 -5.80 2.07 14.49
N SER A 107 -4.78 2.30 13.66
CA SER A 107 -4.08 1.18 13.02
C SER A 107 -3.40 0.29 14.05
N VAL A 108 -3.13 0.81 15.24
CA VAL A 108 -2.63 0.02 16.36
C VAL A 108 -3.76 -0.46 17.26
N THR A 109 -4.68 0.45 17.62
CA THR A 109 -5.72 0.14 18.59
C THR A 109 -6.66 -0.94 18.07
N ALA A 110 -7.20 -0.76 16.86
CA ALA A 110 -8.14 -1.74 16.32
C ALA A 110 -7.45 -3.07 16.04
N THR A 111 -6.19 -3.03 15.61
CA THR A 111 -5.43 -4.27 15.44
C THR A 111 -5.29 -5.00 16.76
N CYS A 112 -5.01 -4.27 17.84
CA CYS A 112 -4.91 -4.88 19.15
C CYS A 112 -6.24 -5.48 19.58
N ARG A 113 -7.35 -4.80 19.23
CA ARG A 113 -8.67 -5.34 19.58
C ARG A 113 -8.95 -6.64 18.83
N TRP A 114 -8.57 -6.70 17.55
CA TRP A 114 -8.73 -7.94 16.80
C TRP A 114 -7.85 -9.05 17.35
N LEU A 115 -6.64 -8.70 17.81
CA LEU A 115 -5.78 -9.70 18.44
C LEU A 115 -6.37 -10.19 19.76
N GLU A 116 -6.98 -9.28 20.54
CA GLU A 116 -7.74 -9.71 21.70
C GLU A 116 -8.84 -10.70 21.30
N GLU A 117 -9.51 -10.41 20.19
CA GLU A 117 -10.48 -11.37 19.64
C GLU A 117 -9.82 -12.69 19.25
N GLN A 118 -8.50 -12.72 19.14
CA GLN A 118 -7.79 -13.97 18.88
C GLN A 118 -7.22 -14.60 20.15
N GLY A 119 -7.49 -14.02 21.31
CA GLY A 119 -6.99 -14.56 22.56
C GLY A 119 -5.76 -13.89 23.12
N VAL A 120 -5.29 -12.81 22.51
CA VAL A 120 -4.12 -12.10 23.01
C VAL A 120 -4.53 -11.24 24.21
N ARG A 121 -3.73 -11.28 25.28
CA ARG A 121 -3.92 -10.35 26.39
C ARG A 121 -3.33 -9.01 25.99
N VAL A 122 -4.14 -7.96 26.06
CA VAL A 122 -3.70 -6.60 25.76
C VAL A 122 -4.04 -5.71 26.94
N THR A 123 -3.06 -4.96 27.42
CA THR A 123 -3.26 -3.91 28.41
C THR A 123 -3.06 -2.57 27.71
N TYR A 124 -4.12 -1.76 27.66
CA TYR A 124 -4.05 -0.43 27.08
C TYR A 124 -3.72 0.55 28.20
N LEU A 125 -2.46 0.93 28.29
CA LEU A 125 -2.01 1.74 29.40
C LEU A 125 -2.58 3.14 29.25
N PRO A 126 -3.28 3.66 30.26
CA PRO A 126 -3.73 5.05 30.18
C PRO A 126 -2.57 6.02 30.33
N VAL A 127 -2.88 7.28 30.06
CA VAL A 127 -1.88 8.33 29.87
C VAL A 127 -1.92 9.25 31.10
N ASN A 128 -0.76 9.78 31.47
CA ASN A 128 -0.67 10.60 32.67
C ASN A 128 -1.08 12.05 32.38
N GLN A 129 -1.04 12.87 33.44
CA GLN A 129 -1.29 14.31 33.32
C GLN A 129 -0.46 14.94 32.21
N ASP A 130 0.81 14.57 32.10
CA ASP A 130 1.68 15.10 31.06
C ASP A 130 1.34 14.54 29.67
N GLY A 131 0.32 13.70 29.55
CA GLY A 131 -0.06 13.14 28.27
C GLY A 131 0.84 12.06 27.71
N VAL A 132 1.57 11.34 28.57
CA VAL A 132 2.57 10.37 28.16
C VAL A 132 2.45 9.13 29.04
N VAL A 133 3.06 8.03 28.59
CA VAL A 133 3.20 6.82 29.40
C VAL A 133 4.65 6.71 29.85
N GLU A 134 4.85 6.53 31.15
CA GLU A 134 6.19 6.48 31.71
C GLU A 134 6.73 5.05 31.71
N ALA A 135 8.06 4.93 31.80
CA ALA A 135 8.68 3.64 31.56
C ALA A 135 8.48 2.68 32.74
N HIS A 136 8.39 3.22 33.96
CA HIS A 136 8.25 2.36 35.12
C HIS A 136 6.89 1.66 35.13
N THR A 137 5.87 2.29 34.57
CA THR A 137 4.57 1.63 34.44
C THR A 137 4.65 0.45 33.47
N VAL A 138 5.35 0.65 32.35
CA VAL A 138 5.61 -0.44 31.43
C VAL A 138 6.30 -1.58 32.16
N ARG A 139 7.37 -1.27 32.91
CA ARG A 139 8.05 -2.30 33.69
C ARG A 139 7.09 -3.05 34.61
N ASP A 140 6.17 -2.32 35.26
CA ASP A 140 5.23 -2.97 36.17
C ASP A 140 4.26 -3.89 35.43
N PHE A 141 3.95 -3.60 34.17
CA PHE A 141 3.01 -4.47 33.47
C PHE A 141 3.66 -5.59 32.66
N ILE A 142 4.98 -5.59 32.49
CA ILE A 142 5.66 -6.67 31.78
C ILE A 142 5.72 -7.92 32.65
N THR A 143 5.22 -9.03 32.14
CA THR A 143 5.42 -10.35 32.72
C THR A 143 6.45 -11.08 31.86
N ASP A 144 6.70 -12.35 32.19
CA ASP A 144 7.55 -13.17 31.33
C ASP A 144 6.79 -13.65 30.10
N LYS A 145 5.52 -13.28 29.97
CA LYS A 145 4.72 -13.65 28.81
C LYS A 145 4.45 -12.49 27.87
N THR A 146 4.88 -11.27 28.21
CA THR A 146 4.73 -10.14 27.32
C THR A 146 5.55 -10.38 26.05
N ALA A 147 4.89 -10.34 24.90
CA ALA A 147 5.58 -10.55 23.62
C ALA A 147 6.10 -9.24 23.03
N LEU A 148 5.35 -8.14 23.16
CA LEU A 148 5.74 -6.91 22.50
C LEU A 148 5.13 -5.73 23.24
N VAL A 149 5.88 -4.63 23.29
CA VAL A 149 5.39 -3.36 23.80
C VAL A 149 5.37 -2.38 22.62
N SER A 150 4.20 -1.82 22.35
CA SER A 150 3.98 -0.90 21.23
C SER A 150 3.47 0.41 21.80
N ILE A 151 4.31 1.43 21.81
CA ILE A 151 3.97 2.75 22.32
C ILE A 151 4.42 3.80 21.30
N MET A 152 3.51 4.72 20.95
CA MET A 152 3.82 5.72 19.93
C MET A 152 4.96 6.63 20.42
N TRP A 153 5.73 7.15 19.45
CA TRP A 153 6.85 8.03 19.76
C TRP A 153 6.35 9.41 20.22
N ALA A 154 5.41 9.97 19.48
CA ALA A 154 4.81 11.25 19.83
C ALA A 154 3.34 11.19 19.44
N ASN A 155 2.52 11.87 20.23
CA ASN A 155 1.08 11.75 20.07
C ASN A 155 0.62 12.65 18.93
N ASN A 156 -0.37 12.17 18.17
CA ASN A 156 -0.87 12.93 17.04
C ASN A 156 -1.92 13.96 17.45
N GLU A 157 -2.51 13.82 18.63
CA GLU A 157 -3.51 14.80 19.06
C GLU A 157 -2.90 15.89 19.94
N THR A 158 -1.99 15.53 20.84
CA THR A 158 -1.39 16.49 21.74
C THR A 158 0.04 16.86 21.37
N GLY A 159 0.70 16.05 20.54
CA GLY A 159 2.09 16.30 20.23
C GLY A 159 3.03 15.92 21.35
N ALA A 160 2.53 15.27 22.39
CA ALA A 160 3.37 14.94 23.53
C ALA A 160 4.36 13.86 23.13
N ILE A 161 5.61 14.05 23.52
CA ILE A 161 6.69 13.14 23.14
C ILE A 161 6.87 12.12 24.26
N PHE A 162 6.90 10.89 23.91
CA PHE A 162 7.03 9.78 24.84
C PHE A 162 8.50 9.48 25.12
N PRO A 163 8.81 8.98 26.33
CA PRO A 163 10.20 8.64 26.68
C PRO A 163 10.60 7.29 26.11
N VAL A 164 10.74 7.24 24.78
CA VAL A 164 10.90 5.96 24.10
C VAL A 164 12.24 5.34 24.48
N GLU A 165 13.24 6.16 24.78
CA GLU A 165 14.56 5.63 25.15
C GLU A 165 14.50 4.88 26.47
N GLU A 166 13.89 5.49 27.49
CA GLU A 166 13.78 4.84 28.80
C GLU A 166 12.94 3.57 28.71
N ILE A 167 11.83 3.63 27.98
CA ILE A 167 11.00 2.44 27.78
C ILE A 167 11.82 1.34 27.10
N SER A 168 12.67 1.73 26.14
CA SER A 168 13.52 0.73 25.49
C SER A 168 14.50 0.09 26.47
N GLU A 169 15.09 0.90 27.36
CA GLU A 169 16.00 0.35 28.36
C GLU A 169 15.29 -0.66 29.25
N ILE A 170 14.07 -0.33 29.68
CA ILE A 170 13.30 -1.27 30.51
C ILE A 170 12.94 -2.52 29.71
N CYS A 171 12.59 -2.36 28.43
CA CYS A 171 12.25 -3.52 27.60
C CYS A 171 13.46 -4.43 27.40
N LYS A 172 14.65 -3.83 27.29
CA LYS A 172 15.87 -4.62 27.13
C LYS A 172 16.21 -5.35 28.42
N GLU A 173 15.96 -4.74 29.58
CA GLU A 173 16.14 -5.46 30.84
C GLU A 173 15.27 -6.71 30.87
N LYS A 174 14.05 -6.61 30.34
CA LYS A 174 13.10 -7.70 30.32
C LYS A 174 13.21 -8.58 29.06
N GLY A 175 14.06 -8.20 28.11
CA GLY A 175 14.21 -8.97 26.89
C GLY A 175 12.91 -9.08 26.12
N VAL A 176 12.21 -7.96 25.97
CA VAL A 176 10.94 -7.89 25.27
C VAL A 176 11.06 -6.87 24.14
N LEU A 177 10.35 -7.12 23.05
CA LEU A 177 10.48 -6.27 21.86
C LEU A 177 9.74 -4.95 22.05
N PHE A 178 10.26 -3.93 21.40
CA PHE A 178 9.78 -2.56 21.56
C PHE A 178 9.53 -1.98 20.17
N HIS A 179 8.27 -1.67 19.89
CA HIS A 179 7.86 -1.02 18.66
C HIS A 179 7.33 0.36 18.97
N THR A 180 7.62 1.32 18.11
CA THR A 180 7.05 2.65 18.25
C THR A 180 6.41 3.09 16.95
N ASP A 181 5.23 3.69 17.06
CA ASP A 181 4.57 4.34 15.93
C ASP A 181 5.19 5.74 15.83
N GLY A 182 6.16 5.90 14.94
CA GLY A 182 6.93 7.13 14.90
C GLY A 182 6.52 8.11 13.83
N VAL A 183 5.26 7.99 13.38
CA VAL A 183 4.77 8.83 12.28
C VAL A 183 4.89 10.30 12.64
N GLN A 184 4.53 10.65 13.87
CA GLN A 184 4.56 12.06 14.28
C GLN A 184 5.95 12.56 14.61
N ALA A 185 6.97 11.70 14.56
CA ALA A 185 8.28 12.14 15.01
C ALA A 185 9.14 12.70 13.87
N ILE A 186 9.06 12.08 12.68
CA ILE A 186 9.93 12.47 11.57
C ILE A 186 9.64 13.90 11.17
N GLY A 187 10.69 14.74 11.16
CA GLY A 187 10.55 16.13 10.77
C GLY A 187 10.17 17.06 11.90
N LYS A 188 9.76 16.53 13.05
CA LYS A 188 9.33 17.34 14.18
C LYS A 188 10.27 17.24 15.38
N ILE A 189 10.87 16.09 15.60
CA ILE A 189 11.87 15.89 16.67
C ILE A 189 13.02 15.07 16.11
N PRO A 190 14.19 15.13 16.75
CA PRO A 190 15.31 14.29 16.33
C PRO A 190 14.97 12.81 16.45
N VAL A 191 15.26 12.05 15.39
CA VAL A 191 14.94 10.63 15.31
C VAL A 191 16.25 9.88 15.16
N ASP A 192 16.59 9.10 16.18
CA ASP A 192 17.79 8.26 16.14
C ASP A 192 17.38 6.91 16.70
N VAL A 193 17.20 5.92 15.82
CA VAL A 193 16.57 4.67 16.23
C VAL A 193 17.50 3.74 17.00
N ILE A 194 18.80 4.02 17.03
CA ILE A 194 19.67 3.24 17.88
C ILE A 194 19.80 3.89 19.26
N ARG A 195 19.66 5.22 19.34
CA ARG A 195 19.59 5.91 20.63
C ARG A 195 18.25 5.69 21.30
N ALA A 196 17.20 5.51 20.52
CA ALA A 196 15.90 5.16 21.07
C ALA A 196 15.80 3.69 21.40
N GLY A 197 16.69 2.87 20.85
CA GLY A 197 16.73 1.46 21.22
C GLY A 197 15.52 0.67 20.81
N VAL A 198 14.72 1.20 19.89
CA VAL A 198 13.51 0.54 19.45
C VAL A 198 13.87 -0.62 18.53
N ASP A 199 13.03 -1.65 18.55
CA ASP A 199 13.17 -2.77 17.61
C ASP A 199 12.38 -2.55 16.34
N PHE A 200 11.28 -1.81 16.42
CA PHE A 200 10.46 -1.51 15.26
C PHE A 200 10.05 -0.04 15.31
N MET A 201 9.91 0.55 14.13
CA MET A 201 9.42 1.91 13.99
C MET A 201 8.58 2.02 12.74
N SER A 202 7.39 2.58 12.89
CA SER A 202 6.51 2.83 11.76
C SER A 202 6.56 4.31 11.40
N PHE A 203 6.54 4.60 10.10
CA PHE A 203 6.49 5.98 9.65
C PHE A 203 5.76 6.07 8.32
N SER A 204 5.29 7.27 8.01
CA SER A 204 4.43 7.50 6.86
C SER A 204 4.86 8.78 6.17
N ALA A 205 5.07 8.69 4.85
CA ALA A 205 5.71 9.78 4.11
C ALA A 205 4.81 11.01 4.02
N HIS A 206 3.50 10.81 3.93
CA HIS A 206 2.61 11.96 3.74
C HIS A 206 2.53 12.84 4.99
N LYS A 207 3.22 12.47 6.07
CA LYS A 207 3.31 13.31 7.27
C LYS A 207 4.48 14.27 7.25
N PHE A 208 5.54 13.97 6.49
CA PHE A 208 6.65 14.92 6.39
C PHE A 208 6.82 15.38 4.95
N HIS A 209 5.70 15.77 4.33
CA HIS A 209 5.67 16.41 3.01
C HIS A 209 6.04 15.45 1.88
N GLY A 210 5.89 14.14 2.12
CA GLY A 210 5.99 13.16 1.07
C GLY A 210 4.62 12.82 0.48
N PRO A 211 4.61 11.96 -0.52
CA PRO A 211 3.34 11.58 -1.14
C PRO A 211 2.56 10.59 -0.28
N LYS A 212 1.25 10.59 -0.48
CA LYS A 212 0.40 9.58 0.13
C LYS A 212 0.61 8.25 -0.58
N GLY A 213 0.36 7.16 0.14
CA GLY A 213 0.45 5.85 -0.46
C GLY A 213 1.77 5.14 -0.27
N VAL A 214 2.66 5.65 0.58
CA VAL A 214 3.94 5.00 0.83
C VAL A 214 4.34 5.22 2.29
N GLY A 215 4.78 4.14 2.94
CA GLY A 215 5.26 4.17 4.30
C GLY A 215 6.48 3.29 4.48
N GLY A 216 6.88 3.06 5.72
CA GLY A 216 8.06 2.25 5.99
C GLY A 216 7.98 1.60 7.35
N LEU A 217 8.70 0.48 7.49
CA LEU A 217 8.88 -0.17 8.78
C LEU A 217 10.36 -0.44 8.97
N TYR A 218 10.93 0.14 10.03
CA TYR A 218 12.31 -0.12 10.42
C TYR A 218 12.38 -1.36 11.31
N ILE A 219 13.39 -2.20 11.07
CA ILE A 219 13.63 -3.44 11.82
C ILE A 219 15.08 -3.44 12.27
N ARG A 220 15.30 -3.46 13.59
CA ARG A 220 16.63 -3.23 14.16
C ARG A 220 17.72 -4.17 13.64
N ASN A 221 17.55 -5.48 13.73
CA ASN A 221 18.62 -6.32 13.21
C ASN A 221 18.15 -7.19 12.07
N GLY A 222 17.19 -6.71 11.28
CA GLY A 222 16.51 -7.62 10.39
C GLY A 222 15.91 -8.74 11.20
N HIS A 223 15.42 -8.39 12.39
CA HIS A 223 14.84 -9.36 13.31
C HIS A 223 13.72 -10.11 12.59
N PRO A 224 13.58 -11.41 12.82
CA PRO A 224 12.54 -12.17 12.10
C PRO A 224 11.17 -11.60 12.39
N LEU A 225 10.38 -11.47 11.32
CA LEU A 225 9.01 -10.98 11.44
C LEU A 225 8.24 -11.54 10.26
N THR A 226 7.26 -12.41 10.54
CA THR A 226 6.49 -13.06 9.48
C THR A 226 5.85 -12.01 8.59
N SER A 227 6.00 -12.19 7.28
CA SER A 227 5.56 -11.17 6.34
C SER A 227 4.06 -10.95 6.44
N LEU A 228 3.66 -9.69 6.32
CA LEU A 228 2.24 -9.39 6.16
C LEU A 228 1.81 -9.64 4.71
N LEU A 229 2.68 -9.33 3.76
CA LEU A 229 2.44 -9.56 2.34
C LEU A 229 3.44 -10.59 1.84
N HIS A 230 2.95 -11.75 1.44
CA HIS A 230 3.79 -12.81 0.90
C HIS A 230 3.80 -12.72 -0.63
N GLY A 231 4.76 -13.40 -1.22
CA GLY A 231 4.86 -13.43 -2.67
C GLY A 231 6.29 -13.38 -3.15
N GLY A 232 6.58 -12.48 -4.09
CA GLY A 232 7.94 -12.33 -4.58
C GLY A 232 8.90 -11.90 -3.50
N GLU A 233 10.17 -11.79 -3.84
CA GLU A 233 11.19 -11.38 -2.86
C GLU A 233 11.51 -9.90 -3.03
N HIS A 234 10.50 -9.07 -2.83
CA HIS A 234 10.69 -7.64 -2.73
C HIS A 234 11.07 -7.28 -1.31
N MET A 235 11.89 -6.24 -1.17
CA MET A 235 12.30 -5.74 0.13
C MET A 235 12.97 -6.84 0.95
N GLY A 236 13.83 -7.62 0.27
CA GLY A 236 14.48 -8.75 0.90
C GLY A 236 13.53 -9.87 1.25
N GLY A 237 12.44 -10.02 0.50
CA GLY A 237 11.49 -11.08 0.78
C GLY A 237 10.62 -10.85 1.99
N ARG A 238 10.55 -9.62 2.50
CA ARG A 238 9.80 -9.31 3.71
C ARG A 238 8.49 -8.62 3.43
N ARG A 239 8.29 -8.11 2.21
CA ARG A 239 7.05 -7.43 1.84
C ARG A 239 7.02 -7.43 0.32
N SER A 240 6.24 -8.34 -0.24
CA SER A 240 6.16 -8.52 -1.69
C SER A 240 5.26 -7.45 -2.30
N GLY A 241 5.26 -7.39 -3.62
CA GLY A 241 4.50 -6.39 -4.36
C GLY A 241 5.44 -5.44 -5.08
N THR A 242 5.10 -5.12 -6.33
CA THR A 242 5.91 -4.24 -7.16
C THR A 242 6.20 -2.93 -6.44
N LEU A 243 7.43 -2.46 -6.56
CA LEU A 243 7.85 -1.29 -5.81
C LEU A 243 7.14 -0.03 -6.30
N ASN A 244 6.65 0.77 -5.35
CA ASN A 244 6.11 2.11 -5.63
C ASN A 244 7.32 3.04 -5.81
N VAL A 245 7.91 2.96 -7.01
CA VAL A 245 9.15 3.69 -7.29
C VAL A 245 9.00 5.19 -7.05
N PRO A 246 7.99 5.87 -7.62
CA PRO A 246 7.84 7.30 -7.28
C PRO A 246 7.65 7.51 -5.79
N GLY A 247 6.85 6.66 -5.14
CA GLY A 247 6.66 6.81 -3.71
C GLY A 247 7.96 6.66 -2.94
N ILE A 248 8.79 5.69 -3.32
CA ILE A 248 10.05 5.47 -2.61
C ILE A 248 11.00 6.65 -2.81
N VAL A 249 11.14 7.11 -4.05
CA VAL A 249 12.01 8.24 -4.33
C VAL A 249 11.56 9.46 -3.55
N GLY A 250 10.27 9.76 -3.62
CA GLY A 250 9.74 10.92 -2.91
C GLY A 250 9.93 10.78 -1.41
N MET A 251 9.76 9.56 -0.88
CA MET A 251 9.91 9.36 0.55
C MET A 251 11.35 9.62 0.99
N GLY A 252 12.32 9.11 0.23
CA GLY A 252 13.71 9.39 0.58
C GLY A 252 14.02 10.87 0.54
N LYS A 253 13.62 11.55 -0.55
CA LYS A 253 13.86 12.98 -0.66
C LYS A 253 13.19 13.74 0.48
N ALA A 254 11.95 13.36 0.81
CA ALA A 254 11.21 14.06 1.85
C ALA A 254 11.84 13.85 3.22
N MET A 255 12.36 12.65 3.48
CA MET A 255 12.97 12.40 4.77
C MET A 255 14.28 13.17 4.93
N GLU A 256 15.07 13.23 3.86
CA GLU A 256 16.26 14.06 3.87
C GLU A 256 15.91 15.53 4.12
N LEU A 257 14.89 16.03 3.41
CA LEU A 257 14.46 17.41 3.62
C LEU A 257 13.99 17.62 5.04
N ALA A 258 13.32 16.61 5.63
CA ALA A 258 12.80 16.73 6.98
C ALA A 258 13.93 16.88 8.00
N THR A 259 14.98 16.07 7.84
CA THR A 259 16.10 16.22 8.76
C THR A 259 16.81 17.56 8.55
N TYR A 260 16.85 18.05 7.32
CA TYR A 260 17.49 19.36 7.12
C TYR A 260 16.68 20.49 7.76
N TYR A 261 15.37 20.47 7.57
CA TYR A 261 14.43 21.46 8.09
C TYR A 261 14.14 21.30 9.57
N LEU A 262 14.69 20.26 10.21
CA LEU A 262 14.49 20.06 11.64
C LEU A 262 14.88 21.28 12.48
N LYS A 263 15.98 21.96 12.16
CA LYS A 263 16.33 23.10 12.99
C LYS A 263 15.41 24.29 12.72
N PHE A 264 14.96 24.43 11.47
CA PHE A 264 13.94 25.43 11.15
C PHE A 264 12.68 25.18 11.95
N GLU A 265 12.32 23.91 12.12
CA GLU A 265 11.09 23.58 12.82
C GLU A 265 11.27 23.73 14.33
N GLU A 266 12.48 23.48 14.83
CA GLU A 266 12.76 23.72 16.23
C GLU A 266 12.70 25.20 16.56
N GLU A 267 13.15 26.07 15.65
CA GLU A 267 13.27 27.49 15.93
C GLU A 267 12.08 28.31 15.42
N HIS A 268 11.95 28.50 14.10
CA HIS A 268 10.96 29.42 13.57
C HIS A 268 9.53 28.87 13.71
N VAL A 269 9.33 27.61 13.30
CA VAL A 269 8.00 27.01 13.44
C VAL A 269 7.58 27.00 14.90
N ARG A 270 8.50 26.67 15.81
CA ARG A 270 8.19 26.73 17.23
C ARG A 270 7.82 28.15 17.66
N LYS A 271 8.52 29.16 17.14
CA LYS A 271 8.21 30.53 17.51
C LYS A 271 6.79 30.90 17.08
N LEU A 272 6.41 30.47 15.88
CA LEU A 272 5.07 30.78 15.40
C LEU A 272 4.00 30.02 16.18
N ARG A 273 4.27 28.74 16.47
CA ARG A 273 3.35 27.97 17.31
C ARG A 273 3.18 28.63 18.67
N ASP A 274 4.27 29.08 19.28
CA ASP A 274 4.18 29.69 20.60
C ASP A 274 3.41 31.00 20.54
N LYS A 275 3.62 31.79 19.47
CA LYS A 275 2.82 32.98 19.26
C LYS A 275 1.32 32.65 19.23
N LEU A 276 0.93 31.69 18.39
CA LEU A 276 -0.48 31.30 18.28
C LEU A 276 -1.02 30.80 19.61
N GLU A 277 -0.25 29.98 20.31
CA GLU A 277 -0.70 29.38 21.56
C GLU A 277 -0.84 30.41 22.66
N ASP A 278 0.15 31.30 22.81
CA ASP A 278 0.05 32.37 23.79
C ASP A 278 -1.12 33.29 23.49
N ALA A 279 -1.28 33.66 22.22
CA ALA A 279 -2.41 34.50 21.84
C ALA A 279 -3.74 33.84 22.17
N ILE A 280 -3.86 32.53 21.90
CA ILE A 280 -5.12 31.86 22.18
C ILE A 280 -5.35 31.78 23.68
N LEU A 281 -4.28 31.54 24.44
CA LEU A 281 -4.37 31.41 25.89
C LEU A 281 -4.68 32.75 26.57
N GLU A 282 -4.63 33.85 25.81
CA GLU A 282 -5.08 35.13 26.31
C GLU A 282 -6.60 35.18 26.45
N ILE A 283 -7.31 34.28 25.79
CA ILE A 283 -8.78 34.20 25.92
C ILE A 283 -9.12 33.59 27.27
N PRO A 284 -10.07 34.16 28.02
CA PRO A 284 -10.44 33.58 29.32
C PRO A 284 -11.03 32.18 29.16
N ASP A 285 -10.74 31.33 30.14
CA ASP A 285 -11.29 29.97 30.19
C ASP A 285 -10.85 29.15 28.98
N THR A 286 -9.58 29.26 28.62
CA THR A 286 -8.98 28.43 27.59
C THR A 286 -7.85 27.64 28.23
N TYR A 287 -7.67 26.39 27.79
CA TYR A 287 -6.69 25.50 28.42
C TYR A 287 -5.95 24.74 27.33
N SER A 288 -4.62 24.85 27.33
CA SER A 288 -3.79 24.07 26.41
C SER A 288 -3.48 22.71 27.05
N VAL A 289 -3.73 21.65 26.29
CA VAL A 289 -3.53 20.28 26.78
C VAL A 289 -2.08 19.89 26.62
N GLY A 290 -1.46 19.46 27.71
CA GLY A 290 -0.08 18.98 27.68
C GLY A 290 0.95 20.08 27.86
N PRO A 291 2.06 19.74 28.49
CA PRO A 291 3.13 20.73 28.67
C PRO A 291 3.91 20.96 27.38
N ARG A 292 4.21 22.23 27.11
CA ARG A 292 4.86 22.61 25.87
C ARG A 292 6.30 22.13 25.82
N GLU A 293 6.97 22.09 26.96
CA GLU A 293 8.37 21.67 27.06
C GLU A 293 8.59 20.20 26.76
N ASN A 294 7.51 19.44 26.55
CA ASN A 294 7.60 18.05 26.10
C ASN A 294 6.76 17.82 24.86
N ARG A 295 6.47 18.88 24.10
CA ARG A 295 5.56 18.82 22.98
C ARG A 295 6.32 19.15 21.70
N THR A 296 5.95 18.47 20.61
CA THR A 296 6.46 18.77 19.28
C THR A 296 6.23 20.24 18.96
N PRO A 297 7.12 20.89 18.19
CA PRO A 297 7.05 22.34 18.04
C PRO A 297 5.85 22.82 17.25
N ASN A 298 5.08 21.93 16.62
CA ASN A 298 4.09 22.32 15.63
C ASN A 298 2.66 22.11 16.10
N THR A 299 2.43 21.66 17.32
CA THR A 299 1.13 21.16 17.75
C THR A 299 0.58 21.99 18.90
N ILE A 300 -0.71 22.32 18.81
CA ILE A 300 -1.46 22.85 19.94
C ILE A 300 -2.76 22.06 20.03
N LEU A 301 -3.15 21.70 21.25
CA LEU A 301 -4.47 21.14 21.50
C LEU A 301 -5.12 21.98 22.59
N VAL A 302 -6.06 22.84 22.18
CA VAL A 302 -6.63 23.85 23.05
C VAL A 302 -8.09 23.47 23.33
N SER A 303 -8.47 23.58 24.60
CA SER A 303 -9.85 23.38 25.05
C SER A 303 -10.48 24.73 25.39
N VAL A 304 -11.65 24.99 24.81
CA VAL A 304 -12.41 26.20 25.11
C VAL A 304 -13.62 25.78 25.94
N ARG A 305 -14.04 26.66 26.86
CA ARG A 305 -14.91 26.22 27.96
C ARG A 305 -16.39 26.30 27.58
N GLY A 306 -16.81 27.43 27.04
CA GLY A 306 -18.19 27.64 26.65
C GLY A 306 -18.49 27.03 25.30
N VAL A 307 -17.48 27.04 24.44
CA VAL A 307 -17.62 26.62 23.05
C VAL A 307 -17.49 25.10 22.94
N GLU A 308 -18.06 24.56 21.85
CA GLU A 308 -18.01 23.14 21.53
C GLU A 308 -17.05 22.88 20.38
N GLY A 309 -16.26 21.82 20.51
CA GLY A 309 -15.11 21.68 19.64
C GLY A 309 -15.47 21.55 18.17
N GLU A 310 -16.49 20.75 17.86
CA GLU A 310 -16.88 20.55 16.48
C GLU A 310 -17.47 21.82 15.88
N ALA A 311 -18.28 22.54 16.65
CA ALA A 311 -18.79 23.81 16.18
C ALA A 311 -17.64 24.80 15.94
N MET A 312 -16.64 24.76 16.83
CA MET A 312 -15.48 25.62 16.69
C MET A 312 -14.69 25.29 15.42
N LEU A 313 -14.56 24.00 15.09
CA LEU A 313 -13.88 23.63 13.87
C LEU A 313 -14.66 24.07 12.65
N TRP A 314 -15.98 23.88 12.67
CA TRP A 314 -16.78 24.30 11.52
C TRP A 314 -16.69 25.80 11.32
N ASP A 315 -16.71 26.55 12.42
CA ASP A 315 -16.66 28.00 12.34
C ASP A 315 -15.29 28.46 11.83
N LEU A 316 -14.21 27.77 12.25
CA LEU A 316 -12.89 28.06 11.71
C LEU A 316 -12.81 27.77 10.22
N ASN A 317 -13.43 26.67 9.79
CA ASN A 317 -13.37 26.33 8.38
C ASN A 317 -14.11 27.37 7.54
N ARG A 318 -15.24 27.88 8.06
CA ARG A 318 -15.94 28.96 7.35
C ARG A 318 -15.06 30.20 7.20
N ALA A 319 -14.13 30.40 8.13
CA ALA A 319 -13.13 31.45 7.98
C ALA A 319 -11.92 31.00 7.17
N GLY A 320 -11.97 29.80 6.61
CA GLY A 320 -10.87 29.31 5.80
C GLY A 320 -9.75 28.65 6.55
N ILE A 321 -9.96 28.28 7.80
CA ILE A 321 -8.91 27.72 8.64
C ILE A 321 -9.20 26.23 8.83
N ALA A 322 -8.22 25.40 8.48
CA ALA A 322 -8.34 23.95 8.58
C ALA A 322 -7.65 23.48 9.86
N ALA A 323 -8.40 22.82 10.73
CA ALA A 323 -7.89 22.26 11.99
C ALA A 323 -8.59 20.94 12.25
N SER A 324 -8.32 20.35 13.41
CA SER A 324 -8.86 19.03 13.75
C SER A 324 -9.23 19.02 15.24
N THR A 325 -9.58 17.84 15.72
CA THR A 325 -10.03 17.60 17.09
C THR A 325 -8.97 16.89 17.92
N GLY A 326 -9.20 16.89 19.23
CA GLY A 326 -8.42 16.13 20.17
C GLY A 326 -9.23 15.86 21.42
N SER A 327 -9.16 14.65 21.96
CA SER A 327 -9.91 14.32 23.17
C SER A 327 -9.19 14.85 24.40
N ALA A 328 -9.97 15.42 25.33
CA ALA A 328 -9.41 15.97 26.56
C ALA A 328 -10.35 15.69 27.72
N CYS A 329 -9.78 15.67 28.91
CA CYS A 329 -10.48 15.47 30.16
C CYS A 329 -10.12 16.62 31.12
N ALA A 330 -10.91 16.75 32.18
CA ALA A 330 -10.73 17.83 33.14
C ALA A 330 -10.03 17.31 34.40
N SER A 331 -9.09 18.10 34.92
CA SER A 331 -8.35 17.71 36.12
C SER A 331 -7.83 18.97 36.80
N GLU A 332 -7.12 18.79 37.90
CA GLU A 332 -6.39 19.85 38.56
C GLU A 332 -4.92 19.47 38.59
N ASP A 333 -4.06 20.46 38.80
CA ASP A 333 -2.63 20.21 38.83
C ASP A 333 -2.22 19.90 40.27
N LEU A 334 -1.00 20.29 40.65
CA LEU A 334 -0.51 20.03 41.99
C LEU A 334 -0.83 21.19 42.91
N GLU A 335 -1.07 22.37 42.33
CA GLU A 335 -1.56 23.55 43.02
C GLU A 335 -3.08 23.62 42.99
N ALA A 336 -3.74 22.55 42.53
CA ALA A 336 -5.20 22.41 42.55
C ALA A 336 -5.88 23.42 41.63
N ASN A 337 -5.24 23.69 40.48
CA ASN A 337 -5.68 24.62 39.47
C ASN A 337 -6.31 23.87 38.30
N PRO A 338 -7.46 24.31 37.80
CA PRO A 338 -8.11 23.59 36.70
C PRO A 338 -7.22 23.52 35.47
N ILE A 339 -7.00 22.30 34.97
CA ILE A 339 -6.25 22.06 33.75
C ILE A 339 -6.99 21.01 32.93
N MET A 340 -6.65 20.95 31.64
CA MET A 340 -7.19 19.94 30.74
C MET A 340 -6.07 18.98 30.36
N VAL A 341 -6.36 17.67 30.45
CA VAL A 341 -5.38 16.62 30.26
C VAL A 341 -5.88 15.68 29.17
N ALA A 342 -4.92 15.05 28.48
CA ALA A 342 -5.26 14.11 27.43
C ALA A 342 -6.01 12.90 27.99
N VAL A 343 -6.83 12.28 27.15
CA VAL A 343 -7.57 11.08 27.53
C VAL A 343 -7.90 10.32 26.25
N GLY A 344 -8.10 9.01 26.39
CA GLY A 344 -8.55 8.23 25.24
C GLY A 344 -9.89 8.71 24.72
N ALA A 345 -10.04 8.72 23.40
CA ALA A 345 -11.27 9.20 22.78
C ALA A 345 -12.48 8.37 23.19
N ASP A 346 -12.26 7.11 23.57
CA ASP A 346 -13.35 6.24 23.98
C ASP A 346 -13.94 6.62 25.33
N SER A 347 -13.19 7.33 26.17
CA SER A 347 -13.67 7.65 27.52
C SER A 347 -14.88 8.55 27.48
N GLU A 348 -15.83 8.29 28.38
CA GLU A 348 -17.00 9.14 28.52
C GLU A 348 -16.68 10.44 29.23
N LEU A 349 -15.48 10.57 29.78
CA LEU A 349 -15.04 11.81 30.39
C LEU A 349 -14.46 12.78 29.36
N ALA A 350 -14.45 12.38 28.09
CA ALA A 350 -13.73 13.10 27.05
C ALA A 350 -14.67 14.10 26.38
N HIS A 351 -14.27 15.36 26.36
CA HIS A 351 -14.83 16.38 25.49
C HIS A 351 -13.86 16.70 24.36
N THR A 352 -14.32 17.49 23.40
CA THR A 352 -13.58 17.76 22.17
C THR A 352 -12.78 19.04 22.28
N ALA A 353 -11.48 18.97 22.01
CA ALA A 353 -10.62 20.14 21.94
C ALA A 353 -10.18 20.37 20.50
N VAL A 354 -9.66 21.57 20.25
CA VAL A 354 -9.27 21.99 18.91
C VAL A 354 -7.78 21.77 18.73
N ARG A 355 -7.42 21.04 17.67
CA ARG A 355 -6.03 20.73 17.37
C ARG A 355 -5.54 21.59 16.21
N LEU A 356 -4.46 22.34 16.46
CA LEU A 356 -3.84 23.19 15.45
C LEU A 356 -2.41 22.72 15.27
N SER A 357 -2.05 22.37 14.05
CA SER A 357 -0.76 21.78 13.75
C SER A 357 -0.10 22.51 12.58
N LEU A 358 1.10 23.05 12.83
CA LEU A 358 1.83 23.85 11.86
C LEU A 358 2.79 22.97 11.06
N SER A 359 3.44 23.59 10.08
CA SER A 359 4.46 22.96 9.25
C SER A 359 5.52 23.99 8.93
N ARG A 360 6.58 23.55 8.26
CA ARG A 360 7.63 24.47 7.86
C ARG A 360 7.17 25.50 6.84
N PHE A 361 5.95 25.36 6.31
CA PHE A 361 5.40 26.29 5.34
C PHE A 361 4.41 27.28 5.95
N THR A 362 4.15 27.19 7.26
CA THR A 362 3.29 28.17 7.91
C THR A 362 3.96 29.54 7.93
N THR A 363 3.18 30.58 7.66
CA THR A 363 3.64 31.95 7.64
C THR A 363 3.08 32.70 8.83
N GLU A 364 3.72 33.82 9.17
CA GLU A 364 3.23 34.57 10.32
C GLU A 364 1.88 35.22 10.04
N GLU A 365 1.60 35.56 8.77
CA GLU A 365 0.27 36.05 8.42
C GLU A 365 -0.80 35.01 8.70
N GLU A 366 -0.51 33.75 8.36
CA GLU A 366 -1.45 32.68 8.69
C GLU A 366 -1.70 32.65 10.19
N ILE A 367 -0.65 32.87 10.99
CA ILE A 367 -0.80 32.79 12.44
C ILE A 367 -1.62 33.95 12.96
N ASP A 368 -1.37 35.17 12.46
CA ASP A 368 -2.15 36.34 12.87
C ASP A 368 -3.62 36.20 12.49
N TYR A 369 -3.88 35.81 11.25
CA TYR A 369 -5.25 35.59 10.81
C TYR A 369 -5.94 34.51 11.64
N THR A 370 -5.21 33.44 11.99
CA THR A 370 -5.80 32.38 12.79
C THR A 370 -6.12 32.87 14.20
N ILE A 371 -5.22 33.67 14.79
CA ILE A 371 -5.49 34.25 16.11
C ILE A 371 -6.77 35.08 16.05
N GLU A 372 -6.85 35.99 15.09
CA GLU A 372 -8.02 36.86 15.01
C GLU A 372 -9.31 36.06 14.83
N GLN A 373 -9.33 35.13 13.87
CA GLN A 373 -10.55 34.39 13.60
C GLN A 373 -10.90 33.45 14.74
N PHE A 374 -9.89 32.90 15.44
CA PHE A 374 -10.16 32.07 16.61
C PHE A 374 -10.85 32.88 17.69
N LYS A 375 -10.34 34.08 17.97
CA LYS A 375 -10.93 34.92 19.02
C LYS A 375 -12.36 35.34 18.63
N LYS A 376 -12.57 35.66 17.35
CA LYS A 376 -13.90 35.99 16.86
C LYS A 376 -14.88 34.82 17.03
N ALA A 377 -14.45 33.61 16.67
CA ALA A 377 -15.35 32.47 16.75
C ALA A 377 -15.70 32.13 18.20
N VAL A 378 -14.71 32.21 19.10
CA VAL A 378 -15.00 31.96 20.52
C VAL A 378 -16.02 32.98 21.03
N GLU A 379 -15.80 34.27 20.75
CA GLU A 379 -16.77 35.27 21.19
C GLU A 379 -18.15 34.99 20.61
N ARG A 380 -18.23 34.64 19.33
CA ARG A 380 -19.53 34.41 18.71
C ARG A 380 -20.25 33.23 19.35
N LEU A 381 -19.53 32.14 19.62
CA LEU A 381 -20.20 30.95 20.13
C LEU A 381 -20.52 31.06 21.62
N ARG A 382 -19.75 31.85 22.37
CA ARG A 382 -20.08 32.10 23.76
C ARG A 382 -21.17 33.15 23.91
N SER A 383 -21.31 34.03 22.90
CA SER A 383 -22.33 35.08 22.93
C SER A 383 -23.73 34.52 22.80
N ILE A 384 -23.89 33.32 22.25
CA ILE A 384 -25.21 32.73 22.09
C ILE A 384 -25.52 31.71 23.16
N SER A 385 -24.62 31.50 24.12
CA SER A 385 -24.87 30.50 25.13
C SER A 385 -25.71 31.08 26.25
N SER A 386 -26.66 30.28 26.73
CA SER A 386 -27.50 30.62 27.86
C SER A 386 -26.93 30.09 29.17
N SER A 387 -25.76 29.44 29.12
CA SER A 387 -25.17 28.78 30.29
C SER A 387 -23.78 29.27 30.65
N TYR A 388 -23.06 29.94 29.75
CA TYR A 388 -21.65 30.22 29.99
C TYR A 388 -21.49 31.31 31.06
N ALA A 389 -20.57 31.07 32.00
CA ALA A 389 -20.31 32.00 33.10
C ALA A 389 -18.87 32.55 33.06
N HIS B 3 20.12 1.35 -33.94
CA HIS B 3 19.84 0.98 -32.55
C HIS B 3 18.73 1.85 -31.95
N MET B 4 17.69 1.22 -31.42
CA MET B 4 16.58 1.92 -30.77
C MET B 4 16.10 1.14 -29.55
N LYS B 5 15.76 1.87 -28.50
CA LYS B 5 15.20 1.25 -27.30
C LYS B 5 13.73 0.89 -27.55
N VAL B 6 13.36 -0.34 -27.21
CA VAL B 6 12.03 -0.89 -27.48
C VAL B 6 11.58 -1.67 -26.25
N TYR B 7 10.41 -1.33 -25.73
CA TYR B 7 9.87 -1.96 -24.52
C TYR B 7 8.79 -2.95 -24.92
N LEU B 8 9.05 -4.24 -24.71
CA LEU B 8 8.07 -5.30 -24.91
C LEU B 8 7.94 -6.16 -23.66
N ASP B 9 7.96 -5.52 -22.49
CA ASP B 9 7.72 -6.22 -21.23
C ASP B 9 6.51 -5.60 -20.53
N ASN B 10 5.43 -5.39 -21.27
CA ASN B 10 4.27 -4.70 -20.72
C ASN B 10 3.49 -5.60 -19.76
N ASN B 11 3.60 -6.92 -19.88
CA ASN B 11 2.96 -7.80 -18.90
C ASN B 11 3.60 -7.69 -17.52
N ALA B 12 4.83 -7.17 -17.43
CA ALA B 12 5.49 -6.97 -16.14
C ALA B 12 5.11 -5.64 -15.50
N THR B 13 5.11 -4.56 -16.28
CA THR B 13 4.62 -3.24 -15.86
C THR B 13 4.46 -2.40 -17.11
N THR B 14 3.71 -1.31 -16.98
CA THR B 14 3.32 -0.50 -18.13
C THR B 14 3.66 0.96 -17.90
N ILE B 15 3.71 1.71 -19.00
CA ILE B 15 3.97 3.14 -18.95
C ILE B 15 2.72 3.87 -18.46
N VAL B 16 2.91 4.90 -17.64
CA VAL B 16 1.78 5.72 -17.20
C VAL B 16 1.36 6.62 -18.35
N ASP B 17 0.11 6.48 -18.78
CA ASP B 17 -0.43 7.33 -19.84
C ASP B 17 -0.27 8.79 -19.45
N PRO B 18 0.25 9.65 -20.33
CA PRO B 18 0.39 11.08 -19.96
C PRO B 18 -0.91 11.70 -19.49
N GLU B 19 -2.06 11.25 -20.01
CA GLU B 19 -3.35 11.72 -19.49
C GLU B 19 -3.56 11.29 -18.06
N VAL B 20 -3.11 10.08 -17.69
CA VAL B 20 -3.23 9.62 -16.32
C VAL B 20 -2.35 10.45 -15.39
N LYS B 21 -1.11 10.71 -15.81
CA LYS B 21 -0.23 11.54 -14.99
C LYS B 21 -0.79 12.95 -14.84
N ALA B 22 -1.38 13.49 -15.94
CA ALA B 22 -1.98 14.81 -15.87
C ALA B 22 -3.17 14.82 -14.92
N ALA B 23 -3.99 13.75 -14.94
CA ALA B 23 -5.10 13.65 -14.00
C ALA B 23 -4.62 13.58 -12.55
N MET B 24 -3.44 12.97 -12.34
CA MET B 24 -2.90 12.81 -10.98
C MET B 24 -2.23 14.07 -10.45
N ASP B 25 -1.63 14.88 -11.33
CA ASP B 25 -0.74 15.96 -10.90
C ASP B 25 -1.28 16.83 -9.77
N PRO B 26 -2.52 17.32 -9.80
CA PRO B 26 -2.93 18.28 -8.76
C PRO B 26 -2.90 17.71 -7.34
N TYR B 27 -2.98 16.39 -7.19
CA TYR B 27 -3.22 15.77 -5.89
C TYR B 27 -1.93 15.44 -5.13
N PHE B 28 -0.86 16.20 -5.38
CA PHE B 28 0.35 16.16 -4.57
C PHE B 28 0.56 17.45 -3.80
N THR B 29 0.63 18.59 -4.49
CA THR B 29 0.92 19.88 -3.89
C THR B 29 -0.24 20.86 -3.94
N GLN B 30 -1.06 20.87 -4.99
CA GLN B 30 -2.17 21.81 -5.02
C GLN B 30 -3.33 21.33 -4.17
N ILE B 31 -3.62 20.03 -4.19
CA ILE B 31 -4.72 19.43 -3.46
C ILE B 31 -4.12 18.31 -2.61
N TYR B 32 -3.88 18.58 -1.33
CA TYR B 32 -3.14 17.67 -0.46
C TYR B 32 -3.89 17.29 0.81
N GLY B 33 -5.06 17.86 1.07
CA GLY B 33 -5.77 17.56 2.30
C GLY B 33 -6.16 16.09 2.41
N ASN B 34 -6.36 15.66 3.66
CA ASN B 34 -6.78 14.29 3.93
C ASN B 34 -8.29 14.17 3.72
N PRO B 35 -8.76 13.25 2.88
CA PRO B 35 -10.20 13.17 2.61
C PRO B 35 -11.03 12.86 3.84
N ASN B 36 -10.41 12.36 4.91
CA ASN B 36 -11.14 12.05 6.13
C ASN B 36 -11.26 13.27 7.03
N SER B 37 -10.66 14.39 6.64
CA SER B 37 -10.84 15.63 7.37
C SER B 37 -12.18 16.24 6.98
N LEU B 38 -12.72 17.08 7.88
CA LEU B 38 -14.01 17.72 7.63
C LEU B 38 -13.89 19.09 7.00
N HIS B 39 -12.70 19.71 7.07
CA HIS B 39 -12.50 21.05 6.53
C HIS B 39 -12.39 21.00 5.01
N ASP B 40 -12.43 22.20 4.41
CA ASP B 40 -12.50 22.32 2.95
C ASP B 40 -11.24 21.76 2.27
N PHE B 41 -10.09 21.87 2.94
CA PHE B 41 -8.85 21.30 2.42
C PHE B 41 -8.99 19.80 2.19
N GLY B 42 -9.61 19.09 3.14
CA GLY B 42 -9.77 17.65 2.98
C GLY B 42 -10.81 17.29 1.95
N THR B 43 -11.95 17.98 1.97
CA THR B 43 -13.07 17.66 1.10
C THR B 43 -12.87 18.12 -0.33
N GLU B 44 -11.84 18.94 -0.61
CA GLU B 44 -11.64 19.43 -1.96
C GLU B 44 -11.44 18.30 -2.96
N CYS B 45 -10.78 17.22 -2.53
CA CYS B 45 -10.51 16.11 -3.45
C CYS B 45 -11.66 15.11 -3.54
N HIS B 46 -12.74 15.30 -2.79
CA HIS B 46 -13.80 14.30 -2.76
C HIS B 46 -14.47 14.06 -4.11
N PRO B 47 -14.82 15.08 -4.90
CA PRO B 47 -15.45 14.79 -6.20
C PRO B 47 -14.54 13.98 -7.12
N ALA B 48 -13.23 14.23 -7.07
CA ALA B 48 -12.30 13.42 -7.86
C ALA B 48 -12.32 11.97 -7.40
N LEU B 49 -12.41 11.74 -6.09
CA LEU B 49 -12.48 10.37 -5.58
C LEU B 49 -13.76 9.67 -6.04
N ARG B 50 -14.91 10.37 -5.99
CA ARG B 50 -16.14 9.75 -6.46
C ARG B 50 -16.06 9.44 -7.95
N LYS B 51 -15.51 10.38 -8.73
CA LYS B 51 -15.38 10.14 -10.17
C LYS B 51 -14.46 8.96 -10.44
N ALA B 52 -13.38 8.84 -9.67
CA ALA B 52 -12.46 7.73 -9.86
C ALA B 52 -13.12 6.39 -9.54
N MET B 53 -13.82 6.32 -8.40
CA MET B 53 -14.52 5.08 -8.05
C MET B 53 -15.58 4.73 -9.08
N ASP B 54 -16.26 5.75 -9.61
CA ASP B 54 -17.26 5.51 -10.63
C ASP B 54 -16.61 4.94 -11.90
N GLN B 55 -15.46 5.51 -12.30
CA GLN B 55 -14.75 4.99 -13.47
C GLN B 55 -14.35 3.54 -13.27
N MET B 56 -13.93 3.18 -12.05
CA MET B 56 -13.54 1.80 -11.77
C MET B 56 -14.76 0.86 -11.85
N TYR B 57 -15.85 1.23 -11.18
CA TYR B 57 -17.07 0.43 -11.24
C TYR B 57 -17.54 0.25 -12.67
N GLU B 58 -17.49 1.33 -13.47
CA GLU B 58 -17.95 1.24 -14.85
C GLU B 58 -16.99 0.40 -15.69
N ALA B 59 -15.70 0.44 -15.36
CA ALA B 59 -14.70 -0.27 -16.16
C ALA B 59 -14.81 -1.77 -16.00
N ILE B 60 -15.13 -2.26 -14.78
CA ILE B 60 -15.24 -3.70 -14.60
C ILE B 60 -16.68 -4.19 -14.55
N GLY B 61 -17.66 -3.30 -14.71
CA GLY B 61 -19.04 -3.75 -14.74
C GLY B 61 -19.59 -4.20 -13.41
N ALA B 62 -19.07 -3.67 -12.31
CA ALA B 62 -19.60 -3.96 -10.99
C ALA B 62 -20.91 -3.19 -10.80
N ARG B 63 -21.74 -3.69 -9.88
CA ARG B 63 -23.02 -3.06 -9.60
C ARG B 63 -22.93 -2.27 -8.30
N ASP B 64 -23.99 -1.50 -8.03
CA ASP B 64 -23.96 -0.56 -6.92
C ASP B 64 -23.86 -1.27 -5.58
N GLU B 65 -24.50 -2.45 -5.45
CA GLU B 65 -24.36 -3.26 -4.24
C GLU B 65 -22.92 -3.76 -4.04
N ASP B 66 -22.15 -3.90 -5.13
CA ASP B 66 -20.81 -4.47 -5.00
C ASP B 66 -19.86 -3.47 -4.33
N ASP B 67 -18.73 -4.00 -3.87
CA ASP B 67 -17.67 -3.21 -3.23
C ASP B 67 -16.40 -3.28 -4.07
N ILE B 68 -15.69 -2.16 -4.16
CA ILE B 68 -14.37 -2.12 -4.80
C ILE B 68 -13.44 -1.42 -3.81
N VAL B 69 -12.59 -2.19 -3.13
CA VAL B 69 -11.69 -1.64 -2.12
C VAL B 69 -10.35 -1.33 -2.76
N VAL B 70 -9.87 -0.10 -2.56
CA VAL B 70 -8.60 0.32 -3.12
C VAL B 70 -7.49 -0.13 -2.19
N THR B 71 -6.55 -0.92 -2.72
CA THR B 71 -5.40 -1.44 -1.99
C THR B 71 -4.12 -0.80 -2.55
N SER B 72 -2.97 -1.27 -2.05
CA SER B 72 -1.68 -0.76 -2.51
C SER B 72 -1.15 -1.47 -3.74
N CYS B 73 -1.60 -2.69 -4.01
CA CYS B 73 -1.12 -3.49 -5.11
C CYS B 73 -1.96 -4.76 -5.14
N ALA B 74 -1.89 -5.48 -6.27
CA ALA B 74 -2.61 -6.72 -6.37
C ALA B 74 -2.06 -7.78 -5.41
N THR B 75 -0.79 -7.67 -5.03
CA THR B 75 -0.24 -8.56 -4.01
C THR B 75 -1.02 -8.42 -2.71
N GLU B 76 -1.30 -7.18 -2.31
CA GLU B 76 -2.13 -6.97 -1.13
C GLU B 76 -3.51 -7.57 -1.31
N SER B 77 -4.12 -7.41 -2.51
CA SER B 77 -5.47 -7.94 -2.72
C SER B 77 -5.49 -9.46 -2.61
N ASN B 78 -4.50 -10.14 -3.19
CA ASN B 78 -4.46 -11.60 -3.14
C ASN B 78 -4.19 -12.09 -1.72
N ASN B 79 -3.19 -11.50 -1.05
CA ASN B 79 -2.95 -11.78 0.37
C ASN B 79 -4.22 -11.61 1.19
N TRP B 80 -4.95 -10.51 0.95
CA TRP B 80 -6.16 -10.21 1.70
C TRP B 80 -7.22 -11.29 1.47
N VAL B 81 -7.49 -11.63 0.21
CA VAL B 81 -8.54 -12.61 -0.07
C VAL B 81 -8.19 -13.95 0.57
N LEU B 82 -6.96 -14.42 0.33
CA LEU B 82 -6.58 -15.75 0.80
C LEU B 82 -6.56 -15.81 2.32
N LYS B 83 -5.82 -14.89 2.96
CA LYS B 83 -5.72 -14.93 4.41
C LYS B 83 -7.05 -14.61 5.10
N GLY B 84 -7.89 -13.78 4.48
CA GLY B 84 -9.17 -13.46 5.09
C GLY B 84 -10.17 -14.60 5.00
N VAL B 85 -10.23 -15.28 3.85
CA VAL B 85 -11.13 -16.43 3.76
C VAL B 85 -10.60 -17.56 4.62
N TYR B 86 -9.26 -17.69 4.73
CA TYR B 86 -8.71 -18.66 5.66
C TYR B 86 -9.14 -18.34 7.09
N PHE B 87 -9.08 -17.07 7.47
CA PHE B 87 -9.48 -16.70 8.82
C PHE B 87 -10.97 -16.91 9.06
N ASP B 88 -11.81 -16.60 8.07
CA ASP B 88 -13.24 -16.58 8.29
C ASP B 88 -13.83 -17.99 8.24
N LEU B 89 -13.43 -18.79 7.26
CA LEU B 89 -14.07 -20.07 7.02
C LEU B 89 -13.23 -21.28 7.43
N ILE B 90 -11.95 -21.09 7.75
CA ILE B 90 -11.05 -22.22 8.01
C ILE B 90 -10.60 -22.25 9.46
N LYS B 91 -10.07 -21.13 9.99
CA LYS B 91 -9.66 -21.14 11.39
C LYS B 91 -10.85 -21.02 12.33
N ASN B 92 -11.90 -20.34 11.89
CA ASN B 92 -13.15 -20.22 12.65
C ASN B 92 -14.31 -20.69 11.79
N GLY B 93 -14.12 -21.86 11.18
CA GLY B 93 -15.16 -22.50 10.40
C GLY B 93 -14.88 -23.97 10.31
N ASP B 94 -15.55 -24.64 9.38
CA ASP B 94 -15.53 -26.09 9.27
C ASP B 94 -14.79 -26.53 8.02
N LYS B 95 -13.94 -25.65 7.49
CA LYS B 95 -13.32 -25.85 6.19
C LYS B 95 -11.81 -25.95 6.35
N ASP B 96 -11.16 -26.52 5.32
CA ASP B 96 -9.69 -26.66 5.36
C ASP B 96 -9.08 -26.82 3.97
N HIS B 97 -9.76 -26.40 2.89
CA HIS B 97 -9.29 -26.68 1.54
C HIS B 97 -9.39 -25.44 0.67
N ILE B 98 -8.36 -25.21 -0.14
CA ILE B 98 -8.34 -24.15 -1.13
C ILE B 98 -7.78 -24.74 -2.42
N ILE B 99 -8.40 -24.41 -3.54
CA ILE B 99 -7.96 -24.90 -4.85
C ILE B 99 -7.39 -23.74 -5.65
N THR B 100 -6.25 -23.96 -6.31
CA THR B 100 -5.63 -22.97 -7.16
C THR B 100 -4.88 -23.69 -8.28
N THR B 101 -4.12 -22.93 -9.08
CA THR B 101 -3.36 -23.50 -10.20
C THR B 101 -1.87 -23.42 -9.92
N GLU B 102 -1.09 -24.18 -10.69
CA GLU B 102 0.37 -24.18 -10.58
C GLU B 102 1.01 -22.97 -11.26
N VAL B 103 0.22 -22.13 -11.90
CA VAL B 103 0.74 -21.04 -12.70
C VAL B 103 0.36 -19.66 -12.14
N GLU B 104 -0.10 -19.62 -10.89
CA GLU B 104 -0.50 -18.35 -10.28
C GLU B 104 0.70 -17.46 -10.01
N HIS B 105 0.40 -16.18 -9.75
CA HIS B 105 1.42 -15.21 -9.36
C HIS B 105 1.97 -15.55 -7.96
N PRO B 106 3.24 -15.20 -7.69
CA PRO B 106 3.81 -15.53 -6.37
C PRO B 106 2.99 -15.00 -5.20
N SER B 107 2.27 -13.89 -5.37
CA SER B 107 1.40 -13.38 -4.32
C SER B 107 0.27 -14.35 -4.00
N VAL B 108 -0.05 -15.26 -4.92
CA VAL B 108 -1.01 -16.33 -4.63
C VAL B 108 -0.29 -17.60 -4.19
N THR B 109 0.79 -17.98 -4.90
CA THR B 109 1.45 -19.25 -4.63
C THR B 109 2.10 -19.27 -3.24
N ALA B 110 2.90 -18.25 -2.93
CA ALA B 110 3.57 -18.22 -1.63
C ALA B 110 2.57 -18.05 -0.49
N THR B 111 1.52 -17.25 -0.70
CA THR B 111 0.47 -17.13 0.31
C THR B 111 -0.19 -18.48 0.57
N CYS B 112 -0.47 -19.24 -0.50
CA CYS B 112 -1.04 -20.57 -0.35
C CYS B 112 -0.09 -21.50 0.36
N ARG B 113 1.22 -21.35 0.11
CA ARG B 113 2.23 -22.19 0.77
C ARG B 113 2.28 -21.88 2.27
N TRP B 114 2.17 -20.61 2.63
CA TRP B 114 2.10 -20.23 4.04
C TRP B 114 0.82 -20.77 4.69
N LEU B 115 -0.29 -20.75 3.93
CA LEU B 115 -1.53 -21.32 4.44
C LEU B 115 -1.39 -22.84 4.62
N GLU B 116 -0.69 -23.49 3.69
CA GLU B 116 -0.32 -24.89 3.86
C GLU B 116 0.49 -25.10 5.14
N GLU B 117 1.43 -24.19 5.40
CA GLU B 117 2.20 -24.21 6.64
C GLU B 117 1.31 -24.02 7.86
N GLN B 118 0.09 -23.51 7.68
CA GLN B 118 -0.87 -23.38 8.79
C GLN B 118 -1.88 -24.53 8.86
N GLY B 119 -1.71 -25.57 8.03
CA GLY B 119 -2.58 -26.71 8.05
C GLY B 119 -3.66 -26.73 7.00
N VAL B 120 -3.68 -25.77 6.08
CA VAL B 120 -4.67 -25.74 5.02
C VAL B 120 -4.27 -26.71 3.92
N ARG B 121 -5.21 -27.53 3.49
CA ARG B 121 -5.00 -28.39 2.33
C ARG B 121 -5.20 -27.56 1.07
N VAL B 122 -4.20 -27.53 0.20
CA VAL B 122 -4.28 -26.79 -1.06
C VAL B 122 -3.90 -27.74 -2.19
N THR B 123 -4.73 -27.74 -3.25
CA THR B 123 -4.42 -28.46 -4.49
C THR B 123 -4.05 -27.44 -5.54
N TYR B 124 -2.81 -27.50 -6.03
CA TYR B 124 -2.33 -26.62 -7.09
C TYR B 124 -2.62 -27.31 -8.41
N LEU B 125 -3.69 -26.90 -9.08
CA LEU B 125 -4.17 -27.63 -10.24
C LEU B 125 -3.18 -27.48 -11.39
N PRO B 126 -2.76 -28.58 -12.00
CA PRO B 126 -1.86 -28.48 -13.16
C PRO B 126 -2.60 -27.94 -14.37
N VAL B 127 -1.83 -27.59 -15.38
CA VAL B 127 -2.30 -26.84 -16.53
C VAL B 127 -2.38 -27.75 -17.74
N ASN B 128 -3.37 -27.50 -18.61
CA ASN B 128 -3.57 -28.38 -19.74
C ASN B 128 -2.62 -27.99 -20.88
N GLN B 129 -2.70 -28.74 -21.99
CA GLN B 129 -1.92 -28.41 -23.19
C GLN B 129 -2.09 -26.95 -23.61
N ASP B 130 -3.33 -26.43 -23.54
CA ASP B 130 -3.65 -25.05 -23.88
C ASP B 130 -3.15 -24.03 -22.86
N GLY B 131 -2.41 -24.45 -21.83
CA GLY B 131 -1.94 -23.50 -20.85
C GLY B 131 -3.01 -22.99 -19.91
N VAL B 132 -4.07 -23.77 -19.69
CA VAL B 132 -5.23 -23.33 -18.91
C VAL B 132 -5.69 -24.48 -18.02
N VAL B 133 -6.48 -24.14 -16.99
CA VAL B 133 -7.18 -25.10 -16.14
C VAL B 133 -8.66 -25.07 -16.49
N GLU B 134 -9.23 -26.24 -16.76
CA GLU B 134 -10.63 -26.38 -17.18
C GLU B 134 -11.54 -26.56 -15.97
N ALA B 135 -12.83 -26.29 -16.19
CA ALA B 135 -13.77 -26.18 -15.08
C ALA B 135 -14.13 -27.54 -14.48
N HIS B 136 -14.13 -28.59 -15.30
CA HIS B 136 -14.52 -29.91 -14.81
C HIS B 136 -13.51 -30.47 -13.82
N THR B 137 -12.22 -30.13 -13.99
CA THR B 137 -11.21 -30.54 -13.03
C THR B 137 -11.44 -29.86 -11.69
N VAL B 138 -11.78 -28.57 -11.72
CA VAL B 138 -12.17 -27.86 -10.51
C VAL B 138 -13.34 -28.58 -9.84
N ARG B 139 -14.40 -28.86 -10.60
CA ARG B 139 -15.55 -29.57 -10.05
C ARG B 139 -15.13 -30.88 -9.38
N ASP B 140 -14.22 -31.62 -10.02
CA ASP B 140 -13.78 -32.89 -9.47
C ASP B 140 -12.97 -32.71 -8.18
N PHE B 141 -12.27 -31.58 -8.04
CA PHE B 141 -11.45 -31.36 -6.85
C PHE B 141 -12.18 -30.62 -5.72
N ILE B 142 -13.38 -30.11 -5.96
CA ILE B 142 -14.14 -29.47 -4.89
C ILE B 142 -14.65 -30.56 -3.95
N THR B 143 -14.32 -30.43 -2.67
CA THR B 143 -14.88 -31.27 -1.63
C THR B 143 -15.94 -30.49 -0.87
N ASP B 144 -16.50 -31.11 0.18
CA ASP B 144 -17.45 -30.41 1.03
C ASP B 144 -16.78 -29.50 2.04
N LYS B 145 -15.45 -29.48 2.09
CA LYS B 145 -14.70 -28.63 2.99
C LYS B 145 -13.93 -27.54 2.27
N THR B 146 -14.01 -27.49 0.93
CA THR B 146 -13.33 -26.44 0.18
C THR B 146 -13.94 -25.09 0.53
N ALA B 147 -13.08 -24.16 0.97
CA ALA B 147 -13.50 -22.82 1.35
C ALA B 147 -13.50 -21.85 0.17
N LEU B 148 -12.52 -21.95 -0.72
CA LEU B 148 -12.35 -20.96 -1.77
C LEU B 148 -11.62 -21.59 -2.95
N VAL B 149 -12.01 -21.16 -4.15
CA VAL B 149 -11.29 -21.50 -5.38
C VAL B 149 -10.69 -20.20 -5.92
N SER B 150 -9.38 -20.19 -6.10
CA SER B 150 -8.65 -19.01 -6.56
C SER B 150 -7.90 -19.38 -7.83
N ILE B 151 -8.39 -18.88 -8.96
CA ILE B 151 -7.81 -19.15 -10.28
C ILE B 151 -7.64 -17.82 -10.99
N MET B 152 -6.45 -17.58 -11.53
CA MET B 152 -6.18 -16.34 -12.24
C MET B 152 -7.05 -16.22 -13.48
N TRP B 153 -7.38 -14.97 -13.83
CA TRP B 153 -8.21 -14.71 -15.00
C TRP B 153 -7.45 -14.98 -16.30
N ALA B 154 -6.23 -14.46 -16.41
CA ALA B 154 -5.37 -14.70 -17.55
C ALA B 154 -3.94 -14.73 -17.04
N ASN B 155 -3.11 -15.54 -17.71
CA ASN B 155 -1.76 -15.78 -17.23
C ASN B 155 -0.83 -14.66 -17.67
N ASN B 156 0.13 -14.34 -16.80
CA ASN B 156 1.09 -13.28 -17.08
C ASN B 156 2.26 -13.74 -17.93
N GLU B 157 2.52 -15.04 -18.02
CA GLU B 157 3.61 -15.52 -18.84
C GLU B 157 3.17 -15.90 -20.25
N THR B 158 2.00 -16.53 -20.39
CA THR B 158 1.53 -16.98 -21.69
C THR B 158 0.40 -16.13 -22.25
N GLY B 159 -0.28 -15.34 -21.42
CA GLY B 159 -1.41 -14.59 -21.91
C GLY B 159 -2.65 -15.42 -22.15
N ALA B 160 -2.65 -16.69 -21.72
CA ALA B 160 -3.80 -17.54 -21.92
C ALA B 160 -4.94 -17.10 -21.03
N ILE B 161 -6.15 -17.08 -21.60
CA ILE B 161 -7.35 -16.62 -20.90
C ILE B 161 -8.03 -17.84 -20.31
N PHE B 162 -8.38 -17.75 -19.05
CA PHE B 162 -9.02 -18.84 -18.34
C PHE B 162 -10.54 -18.76 -18.47
N PRO B 163 -11.22 -19.92 -18.43
CA PRO B 163 -12.68 -19.94 -18.57
C PRO B 163 -13.38 -19.60 -17.27
N VAL B 164 -13.29 -18.31 -16.92
CA VAL B 164 -13.68 -17.87 -15.57
C VAL B 164 -15.18 -18.02 -15.36
N GLU B 165 -15.98 -17.86 -16.42
CA GLU B 165 -17.43 -17.98 -16.27
C GLU B 165 -17.84 -19.40 -15.94
N GLU B 166 -17.30 -20.38 -16.67
CA GLU B 166 -17.63 -21.79 -16.41
C GLU B 166 -17.21 -22.21 -15.01
N ILE B 167 -16.00 -21.82 -14.60
CA ILE B 167 -15.53 -22.10 -13.25
C ILE B 167 -16.47 -21.47 -12.22
N SER B 168 -16.95 -20.25 -12.49
CA SER B 168 -17.90 -19.61 -11.59
C SER B 168 -19.19 -20.41 -11.49
N GLU B 169 -19.69 -20.92 -12.62
CA GLU B 169 -20.90 -21.74 -12.58
C GLU B 169 -20.70 -22.97 -11.70
N ILE B 170 -19.56 -23.64 -11.83
CA ILE B 170 -19.28 -24.81 -11.00
C ILE B 170 -19.17 -24.41 -9.53
N CYS B 171 -18.54 -23.27 -9.25
CA CYS B 171 -18.38 -22.82 -7.87
C CYS B 171 -19.72 -22.48 -7.23
N LYS B 172 -20.64 -21.90 -8.02
CA LYS B 172 -21.96 -21.55 -7.48
C LYS B 172 -22.79 -22.81 -7.25
N GLU B 173 -22.66 -23.81 -8.14
CA GLU B 173 -23.39 -25.05 -7.93
C GLU B 173 -23.01 -25.71 -6.61
N LYS B 174 -21.73 -25.66 -6.25
CA LYS B 174 -21.25 -26.24 -5.00
C LYS B 174 -21.30 -25.26 -3.84
N GLY B 175 -21.73 -24.03 -4.08
CA GLY B 175 -21.81 -23.03 -3.03
C GLY B 175 -20.46 -22.71 -2.40
N VAL B 176 -19.45 -22.50 -3.24
CA VAL B 176 -18.10 -22.18 -2.79
C VAL B 176 -17.69 -20.85 -3.41
N LEU B 177 -16.89 -20.08 -2.68
CA LEU B 177 -16.50 -18.75 -3.13
C LEU B 177 -15.39 -18.83 -4.16
N PHE B 178 -15.38 -17.84 -5.05
CA PHE B 178 -14.52 -17.81 -6.22
C PHE B 178 -13.79 -16.47 -6.29
N HIS B 179 -12.47 -16.53 -6.20
CA HIS B 179 -11.63 -15.36 -6.40
C HIS B 179 -10.77 -15.56 -7.64
N THR B 180 -10.58 -14.49 -8.42
CA THR B 180 -9.71 -14.52 -9.58
C THR B 180 -8.71 -13.38 -9.54
N ASP B 181 -7.48 -13.68 -9.92
CA ASP B 181 -6.43 -12.68 -10.12
C ASP B 181 -6.61 -12.11 -11.52
N GLY B 182 -7.25 -10.95 -11.62
CA GLY B 182 -7.61 -10.40 -12.92
C GLY B 182 -6.66 -9.32 -13.41
N VAL B 183 -5.42 -9.35 -12.92
CA VAL B 183 -4.45 -8.32 -13.27
C VAL B 183 -4.19 -8.29 -14.77
N GLN B 184 -4.01 -9.46 -15.37
CA GLN B 184 -3.72 -9.51 -16.79
C GLN B 184 -4.97 -9.30 -17.65
N ALA B 185 -6.14 -9.16 -17.03
CA ALA B 185 -7.37 -9.06 -17.81
C ALA B 185 -7.74 -7.61 -18.11
N ILE B 186 -7.51 -6.70 -17.17
CA ILE B 186 -7.94 -5.31 -17.33
C ILE B 186 -7.17 -4.67 -18.48
N GLY B 187 -7.92 -4.14 -19.47
CA GLY B 187 -7.35 -3.48 -20.62
C GLY B 187 -7.01 -4.38 -21.77
N LYS B 188 -7.03 -5.71 -21.57
CA LYS B 188 -6.66 -6.68 -22.59
C LYS B 188 -7.84 -7.53 -23.05
N ILE B 189 -8.77 -7.85 -22.17
CA ILE B 189 -9.98 -8.60 -22.54
C ILE B 189 -11.17 -7.93 -21.87
N PRO B 190 -12.38 -8.17 -22.38
CA PRO B 190 -13.57 -7.63 -21.71
C PRO B 190 -13.70 -8.19 -20.29
N VAL B 191 -13.92 -7.29 -19.33
CA VAL B 191 -14.04 -7.65 -17.92
C VAL B 191 -15.43 -7.25 -17.44
N ASP B 192 -16.26 -8.25 -17.12
CA ASP B 192 -17.60 -8.04 -16.59
C ASP B 192 -17.76 -9.02 -15.44
N VAL B 193 -17.67 -8.50 -14.21
CA VAL B 193 -17.55 -9.37 -13.02
C VAL B 193 -18.87 -10.01 -12.60
N ILE B 194 -20.01 -9.58 -13.14
CA ILE B 194 -21.24 -10.31 -12.91
C ILE B 194 -21.47 -11.32 -14.02
N ARG B 195 -20.96 -11.04 -15.22
CA ARG B 195 -20.98 -12.01 -16.30
C ARG B 195 -19.97 -13.11 -16.07
N ALA B 196 -18.86 -12.79 -15.40
CA ALA B 196 -17.90 -13.79 -14.99
C ALA B 196 -18.29 -14.50 -13.72
N GLY B 197 -19.20 -13.92 -12.93
CA GLY B 197 -19.70 -14.59 -11.74
C GLY B 197 -18.70 -14.75 -10.62
N VAL B 198 -17.63 -13.96 -10.62
CA VAL B 198 -16.60 -14.06 -9.60
C VAL B 198 -17.10 -13.44 -8.30
N ASP B 199 -16.62 -13.97 -7.18
CA ASP B 199 -16.90 -13.36 -5.89
C ASP B 199 -15.83 -12.36 -5.48
N PHE B 200 -14.58 -12.57 -5.89
CA PHE B 200 -13.50 -11.64 -5.60
C PHE B 200 -12.64 -11.50 -6.86
N MET B 201 -12.09 -10.31 -7.06
CA MET B 201 -11.23 -10.09 -8.22
C MET B 201 -10.10 -9.15 -7.84
N SER B 202 -8.87 -9.52 -8.16
CA SER B 202 -7.71 -8.68 -7.88
C SER B 202 -7.26 -7.96 -9.15
N PHE B 203 -6.86 -6.70 -9.00
CA PHE B 203 -6.32 -5.98 -10.15
C PHE B 203 -5.31 -4.95 -9.69
N SER B 204 -4.47 -4.52 -10.64
CA SER B 204 -3.33 -3.65 -10.34
C SER B 204 -3.22 -2.59 -11.43
N ALA B 205 -3.14 -1.33 -11.02
CA ALA B 205 -3.27 -0.22 -11.96
C ALA B 205 -2.05 -0.10 -12.88
N HIS B 206 -0.85 -0.39 -12.37
CA HIS B 206 0.37 -0.22 -13.15
C HIS B 206 0.53 -1.26 -14.27
N PHE B 208 -2.36 -1.61 -16.54
CA PHE B 208 -3.12 -0.97 -17.60
C PHE B 208 -2.80 0.52 -17.64
N HIS B 209 -1.50 0.84 -17.55
CA HIS B 209 -0.97 2.18 -17.75
C HIS B 209 -1.34 3.16 -16.64
N GLY B 210 -1.65 2.66 -15.45
CA GLY B 210 -1.79 3.50 -14.28
C GLY B 210 -0.49 3.54 -13.51
N PRO B 211 -0.46 4.30 -12.41
CA PRO B 211 0.77 4.41 -11.62
C PRO B 211 1.01 3.17 -10.75
N LYS B 212 2.28 2.97 -10.41
CA LYS B 212 2.62 1.92 -9.46
C LYS B 212 2.21 2.36 -8.05
N GLY B 213 1.94 1.38 -7.20
CA GLY B 213 1.61 1.66 -5.82
C GLY B 213 0.14 1.72 -5.50
N VAL B 214 -0.73 1.30 -6.42
CA VAL B 214 -2.16 1.28 -6.15
C VAL B 214 -2.77 0.10 -6.89
N GLY B 215 -3.63 -0.64 -6.19
CA GLY B 215 -4.33 -1.76 -6.78
C GLY B 215 -5.75 -1.79 -6.26
N GLY B 216 -6.46 -2.89 -6.51
CA GLY B 216 -7.84 -2.97 -6.06
C GLY B 216 -8.28 -4.41 -5.87
N LEU B 217 -9.28 -4.57 -5.00
CA LEU B 217 -9.97 -5.83 -4.78
C LEU B 217 -11.46 -5.61 -4.92
N TYR B 218 -12.05 -6.28 -5.90
CA TYR B 218 -13.49 -6.28 -6.08
C TYR B 218 -14.11 -7.40 -5.24
N ILE B 219 -15.20 -7.08 -4.56
CA ILE B 219 -15.93 -7.99 -3.69
C ILE B 219 -17.41 -7.93 -4.06
N ARG B 220 -17.96 -9.02 -4.58
CA ARG B 220 -19.38 -9.05 -4.92
C ARG B 220 -20.26 -8.84 -3.70
N ASN B 221 -21.24 -7.95 -3.83
CA ASN B 221 -22.30 -7.75 -2.83
C ASN B 221 -21.76 -7.43 -1.43
N GLY B 222 -20.57 -6.85 -1.35
CA GLY B 222 -19.94 -6.63 -0.05
C GLY B 222 -19.84 -7.87 0.82
N HIS B 223 -19.58 -9.02 0.22
CA HIS B 223 -19.50 -10.27 0.98
C HIS B 223 -18.46 -10.14 2.09
N PRO B 224 -18.72 -10.70 3.28
CA PRO B 224 -17.79 -10.53 4.40
C PRO B 224 -16.40 -11.07 4.10
N LEU B 225 -15.40 -10.28 4.48
CA LEU B 225 -13.99 -10.66 4.32
C LEU B 225 -13.18 -9.91 5.37
N THR B 226 -12.63 -10.65 6.33
CA THR B 226 -11.88 -10.03 7.41
C THR B 226 -10.73 -9.20 6.86
N SER B 227 -10.61 -7.98 7.38
CA SER B 227 -9.64 -7.02 6.84
C SER B 227 -8.22 -7.54 7.02
N LEU B 228 -7.39 -7.29 6.01
CA LEU B 228 -5.96 -7.52 6.18
C LEU B 228 -5.34 -6.37 6.97
N LEU B 229 -5.80 -5.14 6.74
CA LEU B 229 -5.32 -3.95 7.44
C LEU B 229 -6.48 -3.41 8.28
N HIS B 230 -6.31 -3.44 9.59
CA HIS B 230 -7.31 -2.95 10.52
C HIS B 230 -7.03 -1.50 10.88
N GLY B 231 -8.03 -0.83 11.44
CA GLY B 231 -7.83 0.54 11.87
C GLY B 231 -9.01 1.44 11.62
N GLY B 232 -8.75 2.59 11.00
CA GLY B 232 -9.79 3.55 10.70
C GLY B 232 -10.86 3.03 9.76
N GLU B 233 -11.86 3.86 9.50
CA GLU B 233 -12.96 3.48 8.62
C GLU B 233 -12.75 4.06 7.24
N HIS B 234 -11.63 3.67 6.64
CA HIS B 234 -11.37 3.89 5.23
C HIS B 234 -12.00 2.74 4.44
N MET B 235 -12.42 3.05 3.22
CA MET B 235 -12.94 2.04 2.30
C MET B 235 -14.12 1.28 2.92
N GLY B 236 -15.02 2.02 3.57
CA GLY B 236 -16.15 1.40 4.24
C GLY B 236 -15.78 0.54 5.41
N GLY B 237 -14.67 0.84 6.07
CA GLY B 237 -14.22 0.05 7.22
C GLY B 237 -13.60 -1.28 6.87
N ARG B 238 -13.24 -1.49 5.61
CA ARG B 238 -12.71 -2.77 5.16
C ARG B 238 -11.21 -2.74 4.90
N ARG B 239 -10.60 -1.56 4.86
CA ARG B 239 -9.18 -1.47 4.55
C ARG B 239 -8.68 -0.12 5.07
N SER B 240 -8.00 -0.13 6.21
CA SER B 240 -7.56 1.13 6.80
C SER B 240 -6.30 1.63 6.09
N GLY B 241 -5.94 2.88 6.39
CA GLY B 241 -4.80 3.54 5.80
C GLY B 241 -5.26 4.69 4.93
N THR B 242 -4.56 5.83 5.05
CA THR B 242 -4.89 7.03 4.28
C THR B 242 -4.91 6.74 2.79
N LEU B 243 -5.88 7.33 2.11
CA LEU B 243 -6.09 7.05 0.69
C LEU B 243 -4.93 7.59 -0.15
N ASN B 244 -4.48 6.76 -1.09
CA ASN B 244 -3.52 7.20 -2.11
C ASN B 244 -4.32 7.99 -3.15
N VAL B 245 -4.59 9.24 -2.81
CA VAL B 245 -5.45 10.08 -3.67
C VAL B 245 -4.91 10.16 -5.09
N PRO B 246 -3.63 10.51 -5.33
CA PRO B 246 -3.15 10.47 -6.71
C PRO B 246 -3.29 9.09 -7.32
N GLY B 247 -2.96 8.06 -6.53
CA GLY B 247 -3.08 6.69 -7.04
C GLY B 247 -4.50 6.34 -7.43
N ILE B 248 -5.48 6.75 -6.62
CA ILE B 248 -6.88 6.44 -6.94
C ILE B 248 -7.32 7.19 -8.20
N VAL B 249 -7.03 8.49 -8.27
CA VAL B 249 -7.43 9.27 -9.44
C VAL B 249 -6.81 8.68 -10.71
N GLY B 250 -5.51 8.42 -10.66
CA GLY B 250 -4.83 7.87 -11.82
C GLY B 250 -5.35 6.48 -12.19
N MET B 251 -5.68 5.67 -11.18
CA MET B 251 -6.19 4.34 -11.46
C MET B 251 -7.53 4.41 -12.17
N GLY B 252 -8.41 5.30 -11.70
CA GLY B 252 -9.70 5.46 -12.36
C GLY B 252 -9.53 5.92 -13.79
N LYS B 253 -8.70 6.96 -14.01
CA LYS B 253 -8.47 7.44 -15.36
C LYS B 253 -7.88 6.35 -16.26
N ALA B 254 -6.93 5.58 -15.72
CA ALA B 254 -6.28 4.55 -16.51
C ALA B 254 -7.27 3.43 -16.85
N MET B 255 -8.19 3.12 -15.94
CA MET B 255 -9.16 2.06 -16.19
C MET B 255 -10.15 2.50 -17.26
N GLU B 256 -10.62 3.75 -17.18
CA GLU B 256 -11.49 4.29 -18.22
C GLU B 256 -10.81 4.27 -19.59
N LEU B 257 -9.56 4.75 -19.63
CA LEU B 257 -8.82 4.75 -20.90
C LEU B 257 -8.59 3.32 -21.41
N ALA B 258 -8.34 2.38 -20.50
CA ALA B 258 -8.10 1.01 -20.93
C ALA B 258 -9.34 0.42 -21.59
N THR B 259 -10.53 0.66 -21.00
CA THR B 259 -11.74 0.17 -21.65
C THR B 259 -12.00 0.90 -22.97
N TYR B 260 -11.64 2.19 -23.06
CA TYR B 260 -11.85 2.91 -24.33
C TYR B 260 -10.96 2.34 -25.43
N TYR B 261 -9.69 2.08 -25.12
CA TYR B 261 -8.78 1.56 -26.13
C TYR B 261 -9.04 0.10 -26.42
N LEU B 262 -9.60 -0.63 -25.46
CA LEU B 262 -10.07 -1.99 -25.72
C LEU B 262 -11.23 -1.98 -26.71
N LYS B 263 -12.15 -1.01 -26.56
CA LYS B 263 -13.33 -0.97 -27.41
C LYS B 263 -13.02 -0.47 -28.82
N PHE B 264 -12.09 0.47 -28.98
CA PHE B 264 -11.74 0.88 -30.34
C PHE B 264 -10.42 0.34 -30.87
N GLU B 265 -9.32 0.50 -30.13
CA GLU B 265 -7.99 0.09 -30.62
C GLU B 265 -7.58 -1.32 -30.20
N GLU B 266 -8.51 -2.26 -30.11
CA GLU B 266 -8.13 -3.64 -29.81
C GLU B 266 -7.33 -4.23 -30.97
N GLU B 267 -7.69 -3.87 -32.19
CA GLU B 267 -7.11 -4.57 -33.34
C GLU B 267 -5.76 -4.01 -33.70
N HIS B 268 -5.44 -2.79 -33.28
CA HIS B 268 -4.10 -2.27 -33.59
C HIS B 268 -3.04 -3.06 -32.82
N VAL B 269 -3.23 -3.20 -31.50
CA VAL B 269 -2.33 -4.01 -30.69
C VAL B 269 -2.35 -5.47 -31.14
N ARG B 270 -3.54 -6.02 -31.42
CA ARG B 270 -3.60 -7.42 -31.84
C ARG B 270 -2.86 -7.63 -33.17
N LYS B 271 -3.01 -6.69 -34.12
CA LYS B 271 -2.33 -6.76 -35.41
C LYS B 271 -0.82 -6.69 -35.25
N LEU B 272 -0.33 -5.85 -34.34
CA LEU B 272 1.12 -5.76 -34.16
C LEU B 272 1.67 -7.01 -33.51
N ARG B 273 0.98 -7.55 -32.50
CA ARG B 273 1.38 -8.82 -31.91
C ARG B 273 1.40 -9.93 -32.96
N ASP B 274 0.37 -9.99 -33.81
CA ASP B 274 0.31 -11.06 -34.80
C ASP B 274 1.42 -10.92 -35.83
N LYS B 275 1.71 -9.68 -36.26
CA LYS B 275 2.85 -9.44 -37.14
C LYS B 275 4.14 -9.95 -36.53
N LEU B 276 4.43 -9.53 -35.29
CA LEU B 276 5.66 -9.94 -34.62
C LEU B 276 5.76 -11.45 -34.50
N GLU B 277 4.66 -12.10 -34.11
CA GLU B 277 4.66 -13.53 -33.86
C GLU B 277 4.82 -14.32 -35.16
N ASP B 278 4.13 -13.90 -36.22
CA ASP B 278 4.29 -14.58 -37.51
C ASP B 278 5.71 -14.41 -38.04
N ALA B 279 6.25 -13.20 -37.97
CA ALA B 279 7.62 -12.98 -38.42
C ALA B 279 8.62 -13.82 -37.63
N ILE B 280 8.44 -13.92 -36.30
CA ILE B 280 9.38 -14.70 -35.50
C ILE B 280 9.24 -16.18 -35.81
N LEU B 281 8.00 -16.65 -36.03
CA LEU B 281 7.77 -18.05 -36.32
C LEU B 281 8.26 -18.44 -37.71
N GLU B 282 8.65 -17.46 -38.53
CA GLU B 282 9.32 -17.72 -39.80
C GLU B 282 10.71 -18.28 -39.59
N ILE B 283 11.29 -18.10 -38.41
CA ILE B 283 12.57 -18.72 -38.07
C ILE B 283 12.35 -20.21 -37.83
N PRO B 284 13.19 -21.09 -38.39
CA PRO B 284 12.98 -22.53 -38.19
C PRO B 284 13.12 -22.91 -36.72
N ASP B 285 12.29 -23.86 -36.29
CA ASP B 285 12.37 -24.45 -34.95
C ASP B 285 12.13 -23.40 -33.86
N THR B 286 11.09 -22.59 -34.06
CA THR B 286 10.59 -21.66 -33.06
C THR B 286 9.14 -22.03 -32.76
N TYR B 287 8.75 -21.91 -31.49
CA TYR B 287 7.41 -22.35 -31.10
C TYR B 287 6.75 -21.31 -30.22
N SER B 288 5.57 -20.85 -30.62
CA SER B 288 4.81 -19.94 -29.78
C SER B 288 3.96 -20.78 -28.82
N VAL B 289 4.07 -20.46 -27.52
CA VAL B 289 3.38 -21.21 -26.48
C VAL B 289 1.96 -20.68 -26.30
N GLY B 290 1.00 -21.60 -26.35
CA GLY B 290 -0.39 -21.27 -26.14
C GLY B 290 -1.12 -20.90 -27.41
N PRO B 291 -2.40 -21.24 -27.49
CA PRO B 291 -3.17 -20.90 -28.69
C PRO B 291 -3.48 -19.41 -28.75
N ARG B 292 -3.34 -18.84 -29.95
CA ARG B 292 -3.54 -17.39 -30.09
C ARG B 292 -5.02 -17.04 -29.97
N GLU B 293 -5.91 -17.91 -30.46
CA GLU B 293 -7.34 -17.66 -30.37
C GLU B 293 -7.86 -17.71 -28.94
N ASN B 294 -7.02 -18.07 -27.97
CA ASN B 294 -7.36 -18.00 -26.55
C ASN B 294 -6.33 -17.20 -25.78
N ARG B 295 -5.61 -16.31 -26.45
CA ARG B 295 -4.50 -15.57 -25.88
C ARG B 295 -4.83 -14.09 -25.86
N THR B 296 -4.39 -13.40 -24.79
CA THR B 296 -4.47 -11.95 -24.72
C THR B 296 -3.83 -11.32 -25.97
N PRO B 297 -4.31 -10.16 -26.41
CA PRO B 297 -3.85 -9.63 -27.71
C PRO B 297 -2.41 -9.17 -27.72
N ASN B 298 -1.74 -9.11 -26.56
CA ASN B 298 -0.45 -8.45 -26.44
C ASN B 298 0.70 -9.40 -26.16
N THR B 299 0.46 -10.69 -26.05
CA THR B 299 1.45 -11.58 -25.46
C THR B 299 1.92 -12.62 -26.47
N ILE B 300 3.23 -12.85 -26.48
CA ILE B 300 3.87 -13.96 -27.18
C ILE B 300 4.83 -14.61 -26.20
N LEU B 301 4.87 -15.94 -26.20
CA LEU B 301 5.88 -16.69 -25.46
C LEU B 301 6.50 -17.67 -26.44
N VAL B 302 7.74 -17.40 -26.87
CA VAL B 302 8.40 -18.16 -27.91
C VAL B 302 9.53 -18.97 -27.30
N SER B 303 9.60 -20.24 -27.69
CA SER B 303 10.70 -21.13 -27.34
C SER B 303 11.55 -21.30 -28.58
N VAL B 304 12.85 -21.02 -28.46
CA VAL B 304 13.80 -21.16 -29.54
C VAL B 304 14.71 -22.35 -29.23
N ARG B 305 15.05 -23.10 -30.28
CA ARG B 305 15.66 -24.41 -30.13
C ARG B 305 17.18 -24.27 -30.12
N GLY B 306 17.82 -24.92 -29.15
CA GLY B 306 19.25 -24.80 -28.97
C GLY B 306 19.64 -23.61 -28.12
N VAL B 307 18.93 -22.50 -28.31
CA VAL B 307 19.22 -21.28 -27.58
C VAL B 307 18.47 -21.33 -26.24
N GLU B 308 18.96 -20.56 -25.28
CA GLU B 308 18.40 -20.50 -23.94
C GLU B 308 17.73 -19.16 -23.76
N GLY B 309 16.59 -19.15 -23.07
CA GLY B 309 15.75 -17.97 -23.07
C GLY B 309 16.43 -16.76 -22.46
N GLU B 310 17.20 -16.98 -21.38
CA GLU B 310 17.89 -15.88 -20.72
C GLU B 310 18.97 -15.29 -21.62
N ALA B 311 19.70 -16.14 -22.36
CA ALA B 311 20.68 -15.65 -23.31
C ALA B 311 20.04 -14.82 -24.40
N MET B 312 18.86 -15.26 -24.86
CA MET B 312 18.12 -14.52 -25.87
C MET B 312 17.70 -13.15 -25.32
N LEU B 313 17.30 -13.10 -24.04
CA LEU B 313 16.96 -11.83 -23.42
C LEU B 313 18.18 -10.93 -23.27
N TRP B 314 19.31 -11.49 -22.87
CA TRP B 314 20.53 -10.68 -22.74
C TRP B 314 20.94 -10.08 -24.07
N ASP B 315 20.86 -10.88 -25.15
CA ASP B 315 21.24 -10.38 -26.46
C ASP B 315 20.25 -9.33 -26.97
N LEU B 316 18.94 -9.53 -26.70
CA LEU B 316 17.95 -8.52 -27.05
C LEU B 316 18.17 -7.23 -26.27
N ASN B 317 18.49 -7.35 -24.98
CA ASN B 317 18.70 -6.16 -24.16
C ASN B 317 19.93 -5.39 -24.64
N ARG B 318 20.98 -6.11 -25.03
CA ARG B 318 22.12 -5.44 -25.65
C ARG B 318 21.69 -4.73 -26.93
N ALA B 319 20.66 -5.23 -27.60
CA ALA B 319 20.09 -4.60 -28.78
C ALA B 319 19.03 -3.57 -28.46
N GLY B 320 18.80 -3.28 -27.18
CA GLY B 320 17.84 -2.27 -26.78
C GLY B 320 16.40 -2.74 -26.67
N ILE B 321 16.15 -4.05 -26.66
CA ILE B 321 14.79 -4.59 -26.63
C ILE B 321 14.58 -5.25 -25.27
N ALA B 322 13.54 -4.82 -24.57
CA ALA B 322 13.21 -5.32 -23.25
C ALA B 322 12.10 -6.36 -23.36
N ALA B 323 12.37 -7.58 -22.87
CA ALA B 323 11.42 -8.68 -22.84
C ALA B 323 11.65 -9.42 -21.53
N SER B 324 10.94 -10.53 -21.33
CA SER B 324 11.06 -11.22 -20.05
C SER B 324 11.09 -12.72 -20.29
N THR B 325 11.00 -13.49 -19.21
CA THR B 325 11.04 -14.93 -19.28
C THR B 325 9.65 -15.52 -19.07
N GLY B 326 9.52 -16.80 -19.42
CA GLY B 326 8.35 -17.57 -19.10
C GLY B 326 8.72 -19.04 -19.10
N SER B 327 8.27 -19.78 -18.10
CA SER B 327 8.62 -21.19 -18.03
C SER B 327 7.74 -21.97 -18.98
N ALA B 328 8.34 -22.91 -19.71
CA ALA B 328 7.62 -23.78 -20.62
C ALA B 328 8.27 -25.15 -20.55
N CYS B 329 7.51 -26.17 -20.93
CA CYS B 329 8.01 -27.53 -20.97
C CYS B 329 7.81 -28.08 -22.37
N ALA B 330 8.49 -29.19 -22.64
CA ALA B 330 8.46 -29.81 -23.95
C ALA B 330 7.48 -30.98 -23.91
N SER B 331 6.70 -31.12 -24.97
CA SER B 331 5.71 -32.18 -25.01
C SER B 331 5.45 -32.53 -26.46
N GLU B 332 4.54 -33.47 -26.67
CA GLU B 332 4.11 -33.81 -28.01
C GLU B 332 2.64 -33.49 -28.19
N ASP B 333 2.27 -33.31 -29.45
CA ASP B 333 0.91 -33.01 -29.87
C ASP B 333 0.22 -34.34 -30.19
N LEU B 334 -0.70 -34.33 -31.15
CA LEU B 334 -1.38 -35.55 -31.53
C LEU B 334 -1.16 -35.81 -33.02
N GLU B 335 -0.89 -34.74 -33.79
CA GLU B 335 -0.57 -34.86 -35.21
C GLU B 335 0.48 -33.84 -35.67
N ALA B 336 1.08 -33.06 -34.78
CA ALA B 336 2.19 -32.16 -35.05
C ALA B 336 3.15 -32.17 -33.87
N ASN B 337 3.38 -33.38 -33.31
CA ASN B 337 4.11 -33.76 -32.10
C ASN B 337 4.91 -32.65 -31.41
N PRO B 338 6.09 -32.22 -31.88
CA PRO B 338 6.88 -31.31 -31.04
C PRO B 338 6.11 -30.03 -30.73
N ILE B 339 5.86 -29.80 -29.44
CA ILE B 339 5.21 -28.57 -28.97
C ILE B 339 5.83 -28.13 -27.66
N MET B 340 5.66 -26.85 -27.36
CA MET B 340 6.02 -26.30 -26.06
C MET B 340 4.74 -25.86 -25.36
N VAL B 341 4.60 -26.26 -24.10
CA VAL B 341 3.37 -26.04 -23.33
C VAL B 341 3.71 -25.33 -22.03
N ALA B 342 2.74 -24.62 -21.49
CA ALA B 342 2.96 -23.95 -20.21
C ALA B 342 3.25 -24.99 -19.13
N VAL B 343 4.01 -24.59 -18.12
CA VAL B 343 4.34 -25.48 -17.00
C VAL B 343 4.68 -24.61 -15.80
N GLY B 344 4.49 -25.16 -14.61
CA GLY B 344 4.90 -24.47 -13.40
C GLY B 344 6.40 -24.26 -13.39
N ALA B 345 6.82 -23.08 -12.90
CA ALA B 345 8.24 -22.76 -12.88
C ALA B 345 9.02 -23.72 -12.01
N ASP B 346 8.37 -24.30 -10.99
CA ASP B 346 9.03 -25.25 -10.10
C ASP B 346 9.30 -26.59 -10.78
N SER B 347 8.58 -26.90 -11.87
CA SER B 347 8.71 -28.20 -12.52
C SER B 347 10.13 -28.41 -13.03
N GLU B 348 10.61 -29.65 -12.90
CA GLU B 348 11.94 -30.07 -13.34
C GLU B 348 12.03 -30.24 -14.86
N LEU B 349 10.89 -30.23 -15.55
CA LEU B 349 10.79 -30.36 -17.00
C LEU B 349 10.92 -29.04 -17.73
N ALA B 350 11.15 -27.94 -17.00
CA ALA B 350 10.96 -26.61 -17.56
C ALA B 350 12.24 -26.08 -18.17
N HIS B 351 12.16 -25.65 -19.43
CA HIS B 351 13.12 -24.75 -20.04
C HIS B 351 12.49 -23.35 -20.11
N THR B 352 13.33 -22.37 -20.41
CA THR B 352 12.92 -20.97 -20.39
C THR B 352 12.65 -20.47 -21.81
N ALA B 353 11.48 -19.86 -22.00
CA ALA B 353 11.12 -19.23 -23.25
C ALA B 353 11.05 -17.71 -23.05
N VAL B 354 11.03 -16.99 -24.17
CA VAL B 354 11.09 -15.53 -24.19
C VAL B 354 9.69 -14.97 -24.29
N ARG B 355 9.35 -14.04 -23.39
CA ARG B 355 8.04 -13.40 -23.33
C ARG B 355 8.13 -11.98 -23.87
N LEU B 356 7.32 -11.69 -24.89
CA LEU B 356 7.23 -10.37 -25.52
C LEU B 356 5.80 -9.89 -25.36
N SER B 357 5.62 -8.74 -24.71
CA SER B 357 4.30 -8.23 -24.38
C SER B 357 4.18 -6.78 -24.83
N LEU B 358 3.20 -6.51 -25.70
CA LEU B 358 3.02 -5.20 -26.28
C LEU B 358 2.04 -4.36 -25.46
N SER B 359 1.86 -3.11 -25.87
CA SER B 359 0.89 -2.19 -25.30
C SER B 359 0.34 -1.31 -26.40
N ARG B 360 -0.66 -0.50 -26.07
CA ARG B 360 -1.22 0.43 -27.04
C ARG B 360 -0.24 1.51 -27.47
N PHE B 361 0.93 1.60 -26.84
CA PHE B 361 1.94 2.58 -27.18
C PHE B 361 3.02 2.00 -28.08
N THR B 362 2.97 0.71 -28.35
CA THR B 362 3.91 0.08 -29.26
C THR B 362 3.65 0.57 -30.67
N THR B 363 4.73 0.83 -31.41
CA THR B 363 4.65 1.30 -32.78
C THR B 363 5.10 0.20 -33.73
N GLU B 364 4.69 0.31 -34.99
CA GLU B 364 5.06 -0.72 -35.95
C GLU B 364 6.55 -0.67 -36.25
N GLU B 365 7.17 0.50 -36.13
CA GLU B 365 8.62 0.60 -36.28
C GLU B 365 9.32 -0.22 -35.22
N GLU B 366 8.85 -0.15 -33.98
CA GLU B 366 9.39 -0.99 -32.91
C GLU B 366 9.30 -2.46 -33.30
N ILE B 367 8.18 -2.84 -33.93
CA ILE B 367 7.98 -4.24 -34.29
C ILE B 367 8.94 -4.66 -35.40
N ASP B 368 9.15 -3.80 -36.39
CA ASP B 368 10.11 -4.09 -37.46
C ASP B 368 11.52 -4.26 -36.90
N TYR B 369 11.94 -3.30 -36.06
CA TYR B 369 13.25 -3.39 -35.44
C TYR B 369 13.37 -4.65 -34.59
N THR B 370 12.30 -5.01 -33.86
CA THR B 370 12.32 -6.18 -33.01
C THR B 370 12.42 -7.46 -33.83
N ILE B 371 11.68 -7.55 -34.94
CA ILE B 371 11.78 -8.70 -35.83
C ILE B 371 13.21 -8.86 -36.34
N GLU B 372 13.76 -7.78 -36.91
CA GLU B 372 15.11 -7.85 -37.48
C GLU B 372 16.12 -8.26 -36.41
N GLN B 373 16.09 -7.61 -35.25
CA GLN B 373 17.06 -7.91 -34.21
C GLN B 373 16.84 -9.29 -33.63
N PHE B 374 15.60 -9.77 -33.58
CA PHE B 374 15.32 -11.13 -33.12
C PHE B 374 15.94 -12.16 -34.06
N LYS B 375 15.78 -11.96 -35.38
CA LYS B 375 16.38 -12.89 -36.32
C LYS B 375 17.90 -12.86 -36.23
N LYS B 376 18.46 -11.65 -36.07
CA LYS B 376 19.90 -11.50 -35.91
C LYS B 376 20.38 -12.24 -34.67
N ALA B 377 19.67 -12.08 -33.55
CA ALA B 377 20.07 -12.73 -32.30
C ALA B 377 19.94 -14.24 -32.36
N VAL B 378 18.87 -14.74 -33.00
CA VAL B 378 18.72 -16.18 -33.16
C VAL B 378 19.89 -16.75 -33.94
N GLU B 379 20.20 -16.13 -35.10
CA GLU B 379 21.32 -16.59 -35.92
C GLU B 379 22.63 -16.54 -35.13
N ARG B 380 22.88 -15.43 -34.44
CA ARG B 380 24.13 -15.24 -33.72
C ARG B 380 24.29 -16.25 -32.60
N LEU B 381 23.24 -16.50 -31.83
CA LEU B 381 23.36 -17.40 -30.68
C LEU B 381 23.29 -18.86 -31.08
N ARG B 382 22.67 -19.19 -32.22
CA ARG B 382 22.73 -20.55 -32.70
C ARG B 382 24.06 -20.86 -33.37
N SER B 383 24.76 -19.85 -33.89
CA SER B 383 26.09 -20.10 -34.43
C SER B 383 27.06 -20.46 -33.31
N ILE B 384 26.74 -20.05 -32.08
CA ILE B 384 27.56 -20.27 -30.91
C ILE B 384 26.96 -21.34 -29.99
N SER B 385 25.87 -21.98 -30.42
CA SER B 385 25.14 -22.95 -29.61
C SER B 385 25.80 -24.32 -29.66
N SER B 386 25.54 -25.12 -28.63
CA SER B 386 26.09 -26.46 -28.51
C SER B 386 25.30 -27.51 -29.29
N SER B 387 24.28 -27.11 -30.05
CA SER B 387 23.45 -28.07 -30.78
C SER B 387 23.50 -27.80 -32.29
#